data_7YSA
#
_entry.id   7YSA
#
_cell.length_a   51.222
_cell.length_b   76.452
_cell.length_c   79.961
_cell.angle_alpha   90.000
_cell.angle_beta   91.970
_cell.angle_gamma   90.000
#
_symmetry.space_group_name_H-M   'P 1 21 1'
#
loop_
_entity.id
_entity.type
_entity.pdbx_description
1 polymer 'UDP-glucose 4-epimerase'
2 non-polymer NICOTINAMIDE-ADENINE-DINUCLEOTIDE
3 non-polymer "URIDINE-5'-DIPHOSPHATE-GLUCOSE"
4 non-polymer 1,2-ETHANEDIOL
5 non-polymer 'ACETATE ION'
6 non-polymer "GALACTOSE-URIDINE-5'-DIPHOSPHATE"
7 water water
#
_entity_poly.entity_id   1
_entity_poly.type   'polypeptide(L)'
_entity_poly.pdbx_seq_one_letter_code
;MRALVTGAAGFIGSTLVDRLLADGHSVVGLDNFATGRATNLEHLADNSAHVFVEADIVTADLHAILEQHRPEVVFHLAAQ
IDVRRSVADPQFDAAVNVIGTVRLAEAARQTGVRKIVHTSSGGSIYGTPPEYPTPETAPTDPASPYAAGKVAGEIYLNTF
RHLYGLDCSHIAPANVYGPRQDPHGEAGVVAIFAQALLSGKPTRVFGDGTNTRDYVFVDDVVDAFVRVSADVGGGLRFNI
GTGKETSDRQLHSAVAAAVGGPDDPEFHPPRLGDLKRSCLDIGLAERVLGWRPQIELADGVRRTVEYFRHKHTDHHHHHH
;
_entity_poly.pdbx_strand_id   A,B
#
loop_
_chem_comp.id
_chem_comp.type
_chem_comp.name
_chem_comp.formula
ACT non-polymer 'ACETATE ION' 'C2 H3 O2 -1'
EDO non-polymer 1,2-ETHANEDIOL 'C2 H6 O2'
GDU non-polymer GALACTOSE-URIDINE-5'-DIPHOSPHATE 'C15 H24 N2 O17 P2'
NAD non-polymer NICOTINAMIDE-ADENINE-DINUCLEOTIDE 'C21 H27 N7 O14 P2'
UPG non-polymer URIDINE-5'-DIPHOSPHATE-GLUCOSE 'C15 H24 N2 O17 P2'
#
# COMPACT_ATOMS: atom_id res chain seq x y z
N MET A 1 15.11 3.78 -27.50
CA MET A 1 14.41 4.56 -26.44
C MET A 1 15.44 5.17 -25.48
N ARG A 2 15.03 6.20 -24.75
CA ARG A 2 15.77 6.68 -23.60
C ARG A 2 15.20 5.96 -22.37
N ALA A 3 16.03 5.11 -21.75
CA ALA A 3 15.58 4.34 -20.59
C ALA A 3 16.27 4.83 -19.33
N LEU A 4 15.55 4.73 -18.19
CA LEU A 4 16.17 4.85 -16.87
C LEU A 4 15.84 3.60 -16.05
N VAL A 5 16.88 3.04 -15.42
CA VAL A 5 16.74 1.86 -14.59
C VAL A 5 17.13 2.23 -13.15
N THR A 6 16.15 2.22 -12.24
CA THR A 6 16.46 2.30 -10.82
C THR A 6 16.89 0.91 -10.35
N GLY A 7 17.81 0.87 -9.38
CA GLY A 7 18.39 -0.38 -8.92
C GLY A 7 19.36 -0.97 -9.95
N ALA A 8 19.95 -0.09 -10.77
CA ALA A 8 20.81 -0.47 -11.88
C ALA A 8 22.10 -1.13 -11.43
N ALA A 9 22.55 -0.88 -10.19
CA ALA A 9 23.79 -1.47 -9.71
C ALA A 9 23.53 -2.88 -9.16
N GLY A 10 22.26 -3.31 -9.20
CA GLY A 10 21.85 -4.58 -8.61
C GLY A 10 21.97 -5.73 -9.60
N PHE A 11 21.58 -6.93 -9.14
CA PHE A 11 21.66 -8.17 -9.89
C PHE A 11 20.82 -8.09 -11.17
N ILE A 12 19.50 -7.96 -11.03
CA ILE A 12 18.63 -7.92 -12.21
C ILE A 12 18.84 -6.61 -12.96
N GLY A 13 18.99 -5.52 -12.21
CA GLY A 13 19.14 -4.18 -12.76
C GLY A 13 20.34 -4.03 -13.69
N SER A 14 21.51 -4.54 -13.26
CA SER A 14 22.70 -4.45 -14.08
C SER A 14 22.56 -5.30 -15.34
N THR A 15 21.85 -6.43 -15.23
CA THR A 15 21.63 -7.33 -16.35
C THR A 15 20.68 -6.68 -17.36
N LEU A 16 19.65 -5.99 -16.86
CA LEU A 16 18.71 -5.25 -17.70
C LEU A 16 19.43 -4.13 -18.45
N VAL A 17 20.28 -3.37 -17.73
CA VAL A 17 21.07 -2.32 -18.35
C VAL A 17 21.78 -2.87 -19.57
N ASP A 18 22.45 -4.02 -19.40
CA ASP A 18 23.24 -4.62 -20.47
C ASP A 18 22.37 -4.91 -21.68
N ARG A 19 21.19 -5.50 -21.44
CA ARG A 19 20.29 -5.90 -22.51
C ARG A 19 19.80 -4.67 -23.26
N LEU A 20 19.45 -3.62 -22.51
CA LEU A 20 18.94 -2.39 -23.12
C LEU A 20 20.03 -1.74 -23.98
N LEU A 21 21.28 -1.76 -23.49
CA LEU A 21 22.37 -1.20 -24.27
C LEU A 21 22.56 -2.03 -25.54
N ALA A 22 22.46 -3.36 -25.40
CA ALA A 22 22.66 -4.27 -26.52
C ALA A 22 21.61 -4.03 -27.61
N ASP A 23 20.39 -3.65 -27.19
CA ASP A 23 19.30 -3.39 -28.12
C ASP A 23 19.40 -1.97 -28.71
N GLY A 24 20.39 -1.20 -28.25
CA GLY A 24 20.70 0.07 -28.90
C GLY A 24 20.08 1.29 -28.19
N HIS A 25 19.56 1.07 -26.97
CA HIS A 25 18.96 2.16 -26.22
C HIS A 25 20.05 2.95 -25.48
N SER A 26 19.71 4.17 -25.09
CA SER A 26 20.52 4.90 -24.12
C SER A 26 19.94 4.63 -22.74
N VAL A 27 20.82 4.50 -21.74
CA VAL A 27 20.40 4.03 -20.42
C VAL A 27 20.99 4.93 -19.34
N VAL A 28 20.11 5.45 -18.48
CA VAL A 28 20.51 6.06 -17.23
C VAL A 28 20.30 5.04 -16.11
N GLY A 29 21.39 4.68 -15.42
CA GLY A 29 21.29 3.83 -14.26
C GLY A 29 21.23 4.65 -12.97
N LEU A 30 20.39 4.22 -12.03
CA LEU A 30 20.24 4.92 -10.76
C LEU A 30 20.30 3.92 -9.61
N ASP A 31 21.10 4.23 -8.58
CA ASP A 31 21.25 3.34 -7.44
C ASP A 31 21.93 4.09 -6.29
N ASN A 32 21.70 3.61 -5.05
CA ASN A 32 22.34 4.19 -3.88
C ASN A 32 23.31 3.20 -3.24
N PHE A 33 23.47 2.03 -3.86
CA PHE A 33 24.36 0.97 -3.40
C PHE A 33 23.94 0.39 -2.05
N ALA A 34 22.66 0.52 -1.68
CA ALA A 34 22.16 -0.17 -0.50
C ALA A 34 22.55 -1.65 -0.53
N THR A 35 22.22 -2.33 -1.63
CA THR A 35 22.58 -3.73 -1.81
C THR A 35 23.31 -3.95 -3.13
N GLY A 36 23.28 -2.96 -4.03
CA GLY A 36 23.97 -3.04 -5.30
C GLY A 36 25.48 -2.97 -5.15
N ARG A 37 26.22 -3.27 -6.24
CA ARG A 37 27.68 -3.30 -6.22
C ARG A 37 28.22 -2.61 -7.46
N ALA A 38 29.25 -1.77 -7.27
CA ALA A 38 29.89 -1.05 -8.34
C ALA A 38 30.47 -2.02 -9.37
N THR A 39 30.92 -3.20 -8.90
CA THR A 39 31.51 -4.22 -9.75
C THR A 39 30.50 -4.75 -10.78
N ASN A 40 29.20 -4.58 -10.51
CA ASN A 40 28.17 -5.05 -11.43
C ASN A 40 28.12 -4.18 -12.67
N LEU A 41 28.66 -2.95 -12.57
CA LEU A 41 28.56 -1.96 -13.62
C LEU A 41 29.93 -1.53 -14.15
N GLU A 42 31.01 -2.08 -13.59
CA GLU A 42 32.34 -1.54 -13.87
C GLU A 42 32.76 -1.78 -15.32
N HIS A 43 32.17 -2.81 -15.94
CA HIS A 43 32.43 -3.14 -17.34
C HIS A 43 31.89 -2.05 -18.27
N LEU A 44 31.15 -1.08 -17.72
CA LEU A 44 30.46 -0.07 -18.52
C LEU A 44 31.20 1.26 -18.48
N ALA A 45 32.31 1.31 -17.73
CA ALA A 45 33.09 2.52 -17.53
C ALA A 45 33.29 3.27 -18.84
N ASP A 46 33.52 2.53 -19.93
CA ASP A 46 33.83 3.12 -21.22
C ASP A 46 32.72 2.85 -22.24
N ASN A 47 31.52 2.51 -21.75
CA ASN A 47 30.37 2.36 -22.63
C ASN A 47 29.69 3.72 -22.81
N SER A 48 29.52 4.09 -24.09
CA SER A 48 29.17 5.45 -24.48
C SER A 48 27.69 5.75 -24.28
N ALA A 49 26.87 4.72 -24.06
CA ALA A 49 25.42 4.87 -24.07
C ALA A 49 24.84 4.80 -22.66
N HIS A 50 25.71 4.62 -21.66
CA HIS A 50 25.29 4.49 -20.28
C HIS A 50 25.83 5.64 -19.43
N VAL A 51 24.97 6.18 -18.56
CA VAL A 51 25.33 7.16 -17.55
CA VAL A 51 25.36 7.14 -17.55
C VAL A 51 24.75 6.70 -16.22
N PHE A 52 25.53 6.86 -15.13
CA PHE A 52 25.12 6.42 -13.80
C PHE A 52 24.84 7.63 -12.92
N VAL A 53 23.75 7.55 -12.14
CA VAL A 53 23.39 8.55 -11.15
C VAL A 53 23.30 7.85 -9.80
N GLU A 54 24.11 8.30 -8.84
CA GLU A 54 24.06 7.79 -7.47
C GLU A 54 23.01 8.61 -6.70
N ALA A 55 21.91 7.95 -6.32
CA ALA A 55 20.77 8.64 -5.72
C ALA A 55 19.91 7.65 -4.96
N ASP A 56 19.30 8.14 -3.88
CA ASP A 56 18.39 7.38 -3.05
C ASP A 56 16.96 7.73 -3.47
N ILE A 57 16.20 6.74 -3.93
CA ILE A 57 14.84 7.00 -4.42
C ILE A 57 13.98 7.62 -3.32
N VAL A 58 14.33 7.39 -2.05
CA VAL A 58 13.50 7.86 -0.95
C VAL A 58 13.71 9.36 -0.72
N THR A 59 14.89 9.89 -1.07
CA THR A 59 15.24 11.24 -0.62
C THR A 59 15.80 12.15 -1.72
N ALA A 60 16.20 11.59 -2.87
CA ALA A 60 16.83 12.37 -3.93
C ALA A 60 15.78 13.22 -4.65
N ASP A 61 16.26 14.24 -5.38
CA ASP A 61 15.40 15.06 -6.22
C ASP A 61 15.18 14.32 -7.55
N LEU A 62 14.23 13.37 -7.53
CA LEU A 62 13.93 12.55 -8.69
C LEU A 62 13.33 13.40 -9.80
N HIS A 63 12.60 14.45 -9.41
CA HIS A 63 12.05 15.40 -10.37
C HIS A 63 13.16 15.95 -11.26
N ALA A 64 14.24 16.45 -10.63
CA ALA A 64 15.33 17.08 -11.35
C ALA A 64 16.07 16.08 -12.22
N ILE A 65 16.23 14.85 -11.72
CA ILE A 65 16.92 13.79 -12.44
C ILE A 65 16.15 13.46 -13.71
N LEU A 66 14.82 13.30 -13.59
CA LEU A 66 13.98 12.92 -14.71
CA LEU A 66 13.98 12.92 -14.71
C LEU A 66 13.85 14.10 -15.68
N GLU A 67 13.88 15.32 -15.14
CA GLU A 67 13.78 16.51 -15.99
C GLU A 67 14.99 16.60 -16.92
N GLN A 68 16.16 16.18 -16.41
CA GLN A 68 17.41 16.27 -17.15
C GLN A 68 17.47 15.18 -18.21
N HIS A 69 17.14 13.94 -17.83
CA HIS A 69 17.39 12.78 -18.68
C HIS A 69 16.19 12.45 -19.57
N ARG A 70 14.99 12.89 -19.15
CA ARG A 70 13.75 12.70 -19.89
C ARG A 70 13.63 11.26 -20.40
N PRO A 71 13.70 10.23 -19.54
CA PRO A 71 13.54 8.85 -20.00
C PRO A 71 12.10 8.63 -20.46
N GLU A 72 11.94 7.80 -21.49
CA GLU A 72 10.62 7.44 -21.99
C GLU A 72 10.02 6.37 -21.09
N VAL A 73 10.88 5.45 -20.62
CA VAL A 73 10.45 4.36 -19.77
C VAL A 73 11.39 4.32 -18.56
N VAL A 74 10.79 4.22 -17.37
CA VAL A 74 11.54 3.95 -16.15
C VAL A 74 11.29 2.49 -15.77
N PHE A 75 12.37 1.71 -15.70
CA PHE A 75 12.33 0.35 -15.17
C PHE A 75 12.66 0.44 -13.69
N HIS A 76 11.67 0.13 -12.85
CA HIS A 76 11.79 0.41 -11.43
C HIS A 76 12.16 -0.86 -10.68
N LEU A 77 13.46 -1.03 -10.45
CA LEU A 77 13.96 -2.24 -9.81
C LEU A 77 14.61 -1.92 -8.45
N ALA A 78 14.72 -0.63 -8.11
CA ALA A 78 15.23 -0.26 -6.79
C ALA A 78 14.23 -0.68 -5.71
N ALA A 79 14.73 -1.45 -4.71
CA ALA A 79 13.89 -1.91 -3.60
C ALA A 79 14.73 -2.55 -2.50
N GLN A 80 14.15 -2.60 -1.29
CA GLN A 80 14.58 -3.50 -0.23
C GLN A 80 14.06 -4.89 -0.60
N ILE A 81 14.96 -5.87 -0.76
CA ILE A 81 14.59 -7.11 -1.41
C ILE A 81 14.55 -8.31 -0.46
N ASP A 82 15.00 -8.14 0.80
CA ASP A 82 15.08 -9.27 1.71
CA ASP A 82 15.12 -9.23 1.77
C ASP A 82 13.83 -9.32 2.60
N VAL A 83 13.15 -10.47 2.51
CA VAL A 83 11.90 -10.72 3.20
C VAL A 83 12.09 -10.65 4.72
N ARG A 84 13.21 -11.20 5.22
CA ARG A 84 13.47 -11.27 6.65
C ARG A 84 13.77 -9.87 7.20
N ARG A 85 14.50 -9.07 6.42
CA ARG A 85 14.78 -7.68 6.79
C ARG A 85 13.49 -6.88 6.86
N SER A 86 12.52 -7.21 6.00
CA SER A 86 11.24 -6.53 5.98
C SER A 86 10.45 -6.82 7.26
N VAL A 87 10.63 -8.02 7.82
CA VAL A 87 10.05 -8.39 9.10
C VAL A 87 10.77 -7.65 10.23
N ALA A 88 12.11 -7.60 10.17
CA ALA A 88 12.92 -6.99 11.22
C ALA A 88 12.68 -5.48 11.30
N ASP A 89 12.47 -4.84 10.14
CA ASP A 89 12.28 -3.40 10.07
C ASP A 89 11.25 -3.07 8.99
N PRO A 90 9.95 -3.28 9.25
CA PRO A 90 8.92 -3.08 8.23
C PRO A 90 8.81 -1.64 7.75
N GLN A 91 9.18 -0.69 8.63
CA GLN A 91 9.10 0.72 8.32
C GLN A 91 10.09 1.08 7.21
N PHE A 92 11.33 0.59 7.33
CA PHE A 92 12.37 0.86 6.36
C PHE A 92 11.97 0.26 5.01
N ASP A 93 11.48 -0.99 5.04
CA ASP A 93 11.07 -1.68 3.83
C ASP A 93 9.95 -0.89 3.14
N ALA A 94 9.01 -0.36 3.92
CA ALA A 94 7.88 0.38 3.39
C ALA A 94 8.36 1.72 2.81
N ALA A 95 9.37 2.32 3.45
CA ALA A 95 9.90 3.60 3.00
C ALA A 95 10.51 3.44 1.60
N VAL A 96 11.32 2.38 1.43
CA VAL A 96 11.98 2.17 0.16
C VAL A 96 10.97 1.75 -0.91
N ASN A 97 10.12 0.77 -0.57
CA ASN A 97 9.32 0.08 -1.57
C ASN A 97 8.02 0.83 -1.87
N VAL A 98 7.45 1.50 -0.85
CA VAL A 98 6.22 2.26 -1.08
C VAL A 98 6.55 3.73 -1.33
N ILE A 99 7.20 4.40 -0.35
CA ILE A 99 7.45 5.83 -0.48
C ILE A 99 8.33 6.11 -1.70
N GLY A 100 9.36 5.29 -1.89
CA GLY A 100 10.25 5.43 -3.05
C GLY A 100 9.49 5.39 -4.37
N THR A 101 8.57 4.42 -4.50
CA THR A 101 7.76 4.22 -5.70
C THR A 101 6.82 5.40 -5.91
N VAL A 102 6.26 5.93 -4.80
CA VAL A 102 5.33 7.05 -4.85
C VAL A 102 6.05 8.29 -5.34
N ARG A 103 7.25 8.53 -4.79
CA ARG A 103 8.06 9.69 -5.14
C ARG A 103 8.47 9.62 -6.61
N LEU A 104 8.83 8.42 -7.08
CA LEU A 104 9.19 8.19 -8.47
C LEU A 104 8.01 8.48 -9.41
N ALA A 105 6.81 8.01 -9.04
CA ALA A 105 5.62 8.21 -9.84
C ALA A 105 5.31 9.72 -9.96
N GLU A 106 5.42 10.41 -8.83
CA GLU A 106 5.09 11.82 -8.73
C GLU A 106 6.06 12.64 -9.56
N ALA A 107 7.34 12.21 -9.60
CA ALA A 107 8.33 12.85 -10.45
C ALA A 107 8.07 12.53 -11.93
N ALA A 108 7.76 11.26 -12.21
CA ALA A 108 7.60 10.79 -13.59
C ALA A 108 6.41 11.46 -14.28
N ARG A 109 5.29 11.61 -13.56
CA ARG A 109 4.08 12.17 -14.14
C ARG A 109 4.28 13.64 -14.51
N GLN A 110 5.32 14.29 -13.96
CA GLN A 110 5.55 15.70 -14.20
C GLN A 110 6.62 15.92 -15.27
N THR A 111 7.27 14.86 -15.74
CA THR A 111 8.46 14.99 -16.57
C THR A 111 8.33 14.26 -17.90
N GLY A 112 7.10 13.95 -18.31
CA GLY A 112 6.81 13.45 -19.66
C GLY A 112 7.21 11.99 -19.89
N VAL A 113 7.49 11.27 -18.79
CA VAL A 113 7.73 9.83 -18.83
C VAL A 113 6.48 9.13 -19.36
N ARG A 114 6.66 8.17 -20.26
CA ARG A 114 5.53 7.47 -20.87
C ARG A 114 5.07 6.34 -19.96
N LYS A 115 6.01 5.57 -19.41
CA LYS A 115 5.65 4.33 -18.73
C LYS A 115 6.66 4.00 -17.63
N ILE A 116 6.14 3.52 -16.50
CA ILE A 116 6.96 2.91 -15.46
C ILE A 116 6.68 1.42 -15.48
N VAL A 117 7.75 0.63 -15.63
CA VAL A 117 7.66 -0.80 -15.46
C VAL A 117 8.09 -1.14 -14.04
N HIS A 118 7.10 -1.48 -13.21
CA HIS A 118 7.34 -1.78 -11.80
C HIS A 118 7.81 -3.23 -11.66
N THR A 119 8.64 -3.48 -10.65
CA THR A 119 8.93 -4.84 -10.25
C THR A 119 8.17 -5.15 -8.97
N SER A 120 7.16 -6.03 -9.10
CA SER A 120 6.42 -6.58 -7.99
C SER A 120 7.10 -7.89 -7.59
N SER A 121 6.42 -8.70 -6.77
CA SER A 121 7.00 -9.98 -6.35
C SER A 121 5.99 -11.10 -6.58
N GLY A 122 6.06 -11.73 -7.75
CA GLY A 122 5.16 -12.82 -8.07
C GLY A 122 5.24 -13.95 -7.05
N GLY A 123 6.46 -14.18 -6.54
CA GLY A 123 6.74 -15.28 -5.63
C GLY A 123 6.10 -15.13 -4.25
N SER A 124 5.72 -13.90 -3.86
CA SER A 124 5.28 -13.69 -2.48
C SER A 124 3.92 -13.00 -2.35
N ILE A 125 3.48 -12.23 -3.36
CA ILE A 125 2.31 -11.35 -3.19
C ILE A 125 1.03 -12.16 -2.99
N TYR A 126 0.99 -13.41 -3.47
CA TYR A 126 -0.23 -14.20 -3.40
C TYR A 126 -0.36 -14.90 -2.06
N GLY A 127 0.70 -14.84 -1.24
CA GLY A 127 0.75 -15.57 0.01
C GLY A 127 0.53 -17.07 -0.21
N THR A 128 -0.38 -17.65 0.57
CA THR A 128 -0.89 -18.99 0.33
C THR A 128 -2.10 -18.87 -0.60
N PRO A 129 -1.95 -19.16 -1.91
CA PRO A 129 -3.00 -18.88 -2.89
C PRO A 129 -4.03 -20.00 -3.00
N PRO A 130 -5.18 -19.75 -3.68
CA PRO A 130 -6.16 -20.81 -3.92
C PRO A 130 -5.66 -22.00 -4.74
N GLU A 131 -4.62 -21.78 -5.56
CA GLU A 131 -4.12 -22.85 -6.42
C GLU A 131 -2.69 -22.57 -6.88
N TYR A 132 -1.97 -23.66 -7.20
CA TYR A 132 -0.66 -23.62 -7.83
C TYR A 132 -0.72 -24.42 -9.13
N PRO A 133 -0.09 -23.97 -10.25
CA PRO A 133 0.57 -22.66 -10.33
C PRO A 133 -0.46 -21.54 -10.24
N THR A 134 -0.04 -20.37 -9.78
CA THR A 134 -0.97 -19.30 -9.42
C THR A 134 -1.10 -18.28 -10.54
N PRO A 135 -2.33 -17.95 -11.00
CA PRO A 135 -2.54 -16.91 -12.02
C PRO A 135 -2.69 -15.52 -11.41
N GLU A 136 -2.54 -14.48 -12.25
CA GLU A 136 -2.61 -13.10 -11.82
C GLU A 136 -4.02 -12.76 -11.32
N THR A 137 -5.00 -13.60 -11.69
CA THR A 137 -6.38 -13.38 -11.27
C THR A 137 -6.59 -13.79 -9.82
N ALA A 138 -5.63 -14.52 -9.25
CA ALA A 138 -5.71 -14.90 -7.85
C ALA A 138 -5.56 -13.67 -6.98
N PRO A 139 -6.29 -13.58 -5.83
CA PRO A 139 -6.20 -12.40 -4.98
C PRO A 139 -4.79 -12.33 -4.37
N THR A 140 -4.29 -11.12 -4.17
CA THR A 140 -3.05 -10.97 -3.40
C THR A 140 -3.38 -11.21 -1.94
N ASP A 141 -2.44 -11.80 -1.19
CA ASP A 141 -2.63 -12.06 0.23
C ASP A 141 -1.26 -12.08 0.91
N PRO A 142 -0.52 -10.94 0.90
CA PRO A 142 0.85 -10.91 1.40
C PRO A 142 0.98 -11.32 2.86
N ALA A 143 2.04 -12.06 3.17
CA ALA A 143 2.26 -12.55 4.52
C ALA A 143 3.65 -12.12 5.02
N SER A 144 4.27 -11.18 4.31
CA SER A 144 5.45 -10.50 4.81
C SER A 144 5.32 -9.01 4.47
N PRO A 145 5.93 -8.10 5.26
CA PRO A 145 5.92 -6.67 4.94
C PRO A 145 6.46 -6.38 3.54
N TYR A 146 7.50 -7.11 3.11
CA TYR A 146 8.04 -7.01 1.76
C TYR A 146 6.93 -7.22 0.72
N ALA A 147 6.19 -8.32 0.85
CA ALA A 147 5.13 -8.66 -0.08
C ALA A 147 4.06 -7.57 -0.08
N ALA A 148 3.72 -7.06 1.12
CA ALA A 148 2.71 -6.03 1.28
C ALA A 148 3.10 -4.75 0.52
N GLY A 149 4.36 -4.33 0.67
CA GLY A 149 4.86 -3.13 -0.01
C GLY A 149 4.83 -3.24 -1.53
N LYS A 150 5.09 -4.45 -2.05
CA LYS A 150 5.09 -4.67 -3.48
C LYS A 150 3.68 -4.49 -4.06
N VAL A 151 2.68 -5.03 -3.35
CA VAL A 151 1.28 -4.87 -3.70
C VAL A 151 0.90 -3.38 -3.66
N ALA A 152 1.26 -2.71 -2.56
CA ALA A 152 0.96 -1.29 -2.38
C ALA A 152 1.57 -0.46 -3.53
N GLY A 153 2.78 -0.84 -3.97
CA GLY A 153 3.44 -0.16 -5.08
C GLY A 153 2.66 -0.30 -6.39
N GLU A 154 2.14 -1.51 -6.65
CA GLU A 154 1.28 -1.76 -7.79
C GLU A 154 0.08 -0.82 -7.75
N ILE A 155 -0.57 -0.75 -6.58
CA ILE A 155 -1.80 0.00 -6.39
C ILE A 155 -1.53 1.49 -6.63
N TYR A 156 -0.43 2.01 -6.09
CA TYR A 156 -0.10 3.42 -6.27
C TYR A 156 0.16 3.74 -7.75
N LEU A 157 0.89 2.89 -8.46
CA LEU A 157 1.14 3.16 -9.87
C LEU A 157 -0.15 3.11 -10.68
N ASN A 158 -1.04 2.16 -10.35
CA ASN A 158 -2.35 2.08 -11.00
C ASN A 158 -3.11 3.39 -10.82
N THR A 159 -3.01 3.96 -9.61
CA THR A 159 -3.66 5.22 -9.25
C THR A 159 -3.11 6.37 -10.10
N PHE A 160 -1.78 6.42 -10.25
CA PHE A 160 -1.16 7.46 -11.05
C PHE A 160 -1.54 7.28 -12.52
N ARG A 161 -1.80 6.03 -12.92
CA ARG A 161 -2.28 5.76 -14.26
C ARG A 161 -3.66 6.39 -14.46
N HIS A 162 -4.56 6.23 -13.47
CA HIS A 162 -5.88 6.84 -13.50
C HIS A 162 -5.78 8.36 -13.52
N LEU A 163 -4.92 8.92 -12.66
CA LEU A 163 -4.85 10.35 -12.42
C LEU A 163 -4.31 11.11 -13.63
N TYR A 164 -3.22 10.59 -14.21
CA TYR A 164 -2.37 11.39 -15.08
C TYR A 164 -2.13 10.70 -16.41
N GLY A 165 -2.53 9.42 -16.52
CA GLY A 165 -2.24 8.66 -17.72
C GLY A 165 -0.76 8.26 -17.79
N LEU A 166 -0.07 8.33 -16.65
CA LEU A 166 1.24 7.73 -16.54
C LEU A 166 1.07 6.22 -16.59
N ASP A 167 1.49 5.62 -17.72
CA ASP A 167 1.29 4.20 -17.94
C ASP A 167 2.17 3.39 -16.98
N CYS A 168 1.75 2.16 -16.71
CA CYS A 168 2.53 1.26 -15.88
C CYS A 168 2.17 -0.19 -16.18
N SER A 169 3.14 -1.09 -15.97
CA SER A 169 2.90 -2.52 -15.93
C SER A 169 3.73 -3.10 -14.78
N HIS A 170 3.25 -4.18 -14.17
CA HIS A 170 3.92 -4.80 -13.04
C HIS A 170 4.53 -6.14 -13.46
N ILE A 171 5.86 -6.17 -13.59
CA ILE A 171 6.57 -7.42 -13.76
C ILE A 171 6.66 -8.09 -12.39
N ALA A 172 6.09 -9.30 -12.28
CA ALA A 172 6.01 -10.01 -11.01
C ALA A 172 6.78 -11.32 -11.11
N PRO A 173 8.12 -11.30 -11.00
CA PRO A 173 8.94 -12.51 -11.11
C PRO A 173 8.75 -13.45 -9.92
N ALA A 174 9.00 -14.73 -10.16
CA ALA A 174 9.16 -15.73 -9.11
C ALA A 174 10.56 -15.57 -8.53
N ASN A 175 11.29 -16.67 -8.37
CA ASN A 175 12.62 -16.57 -7.77
C ASN A 175 13.69 -16.48 -8.86
N VAL A 176 14.34 -15.31 -8.94
CA VAL A 176 15.30 -15.01 -10.00
C VAL A 176 16.71 -15.41 -9.52
N TYR A 177 17.50 -15.97 -10.45
CA TYR A 177 18.84 -16.44 -10.13
C TYR A 177 19.72 -16.30 -11.37
N GLY A 178 21.04 -16.39 -11.17
CA GLY A 178 21.97 -16.29 -12.26
C GLY A 178 23.20 -15.46 -11.90
N PRO A 179 24.11 -15.22 -12.86
CA PRO A 179 25.30 -14.39 -12.61
C PRO A 179 24.98 -13.03 -12.00
N ARG A 180 25.84 -12.59 -11.08
CA ARG A 180 25.83 -11.25 -10.48
C ARG A 180 24.94 -11.18 -9.24
N GLN A 181 24.13 -12.22 -9.00
CA GLN A 181 23.39 -12.30 -7.74
C GLN A 181 24.40 -12.35 -6.59
N ASP A 182 24.20 -11.48 -5.60
CA ASP A 182 25.17 -11.31 -4.51
C ASP A 182 25.30 -12.64 -3.77
N PRO A 183 26.51 -13.24 -3.75
CA PRO A 183 26.74 -14.48 -2.99
C PRO A 183 26.78 -14.29 -1.46
N HIS A 184 26.90 -13.05 -0.99
CA HIS A 184 27.10 -12.81 0.47
C HIS A 184 25.88 -12.20 1.16
N GLY A 185 24.69 -12.73 0.92
CA GLY A 185 23.49 -12.24 1.61
C GLY A 185 22.73 -13.36 2.26
N GLU A 186 21.51 -13.08 2.73
CA GLU A 186 20.64 -14.16 3.24
C GLU A 186 19.55 -14.40 2.19
N ALA A 187 19.52 -13.57 1.16
CA ALA A 187 18.58 -13.80 0.03
C ALA A 187 19.36 -14.14 -1.27
N GLY A 188 18.80 -14.95 -2.14
CA GLY A 188 19.47 -15.39 -3.38
C GLY A 188 20.05 -16.77 -3.14
N VAL A 189 19.21 -17.75 -2.87
CA VAL A 189 19.67 -19.05 -2.43
C VAL A 189 20.65 -19.66 -3.44
N VAL A 190 20.40 -19.50 -4.74
CA VAL A 190 21.25 -20.14 -5.73
C VAL A 190 22.69 -19.62 -5.58
N ALA A 191 22.85 -18.30 -5.42
CA ALA A 191 24.16 -17.68 -5.29
C ALA A 191 24.80 -18.05 -3.96
N ILE A 192 23.99 -18.12 -2.89
CA ILE A 192 24.46 -18.48 -1.56
C ILE A 192 25.08 -19.89 -1.62
N PHE A 193 24.32 -20.83 -2.18
CA PHE A 193 24.73 -22.21 -2.31
C PHE A 193 26.00 -22.32 -3.16
N ALA A 194 25.96 -21.73 -4.37
CA ALA A 194 27.06 -21.81 -5.31
C ALA A 194 28.35 -21.33 -4.67
N GLN A 195 28.31 -20.15 -4.05
CA GLN A 195 29.48 -19.52 -3.47
C GLN A 195 30.04 -20.40 -2.35
N ALA A 196 29.16 -20.82 -1.44
CA ALA A 196 29.54 -21.61 -0.28
C ALA A 196 30.08 -22.98 -0.70
N LEU A 197 29.40 -23.63 -1.65
CA LEU A 197 29.81 -24.97 -2.07
C LEU A 197 31.14 -24.92 -2.82
N LEU A 198 31.36 -23.86 -3.61
CA LEU A 198 32.62 -23.70 -4.32
C LEU A 198 33.76 -23.46 -3.33
N SER A 199 33.45 -22.80 -2.20
CA SER A 199 34.45 -22.41 -1.23
C SER A 199 34.63 -23.49 -0.16
N GLY A 200 33.75 -24.51 -0.17
CA GLY A 200 33.78 -25.56 0.82
C GLY A 200 33.32 -25.06 2.19
N LYS A 201 32.51 -24.00 2.18
CA LYS A 201 31.95 -23.43 3.39
C LYS A 201 30.58 -24.04 3.66
N PRO A 202 30.06 -23.98 4.91
CA PRO A 202 28.79 -24.62 5.25
C PRO A 202 27.59 -23.97 4.54
N THR A 203 26.59 -24.81 4.24
CA THR A 203 25.33 -24.37 3.67
C THR A 203 24.19 -24.84 4.56
N ARG A 204 23.00 -24.24 4.38
CA ARG A 204 21.87 -24.60 5.20
C ARG A 204 20.58 -24.51 4.38
N VAL A 205 19.59 -25.31 4.77
CA VAL A 205 18.20 -25.12 4.37
C VAL A 205 17.41 -24.79 5.63
N PHE A 206 16.20 -24.26 5.45
CA PHE A 206 15.37 -23.84 6.59
C PHE A 206 14.21 -24.79 6.77
N GLY A 207 13.80 -24.98 8.03
CA GLY A 207 12.77 -25.96 8.36
C GLY A 207 13.20 -27.36 7.94
N ASP A 208 12.32 -28.06 7.21
CA ASP A 208 12.57 -29.44 6.82
C ASP A 208 13.05 -29.51 5.37
N GLY A 209 13.35 -28.36 4.76
CA GLY A 209 13.92 -28.31 3.43
C GLY A 209 12.88 -28.45 2.30
N THR A 210 11.59 -28.52 2.66
CA THR A 210 10.56 -28.88 1.69
C THR A 210 9.92 -27.66 1.02
N ASN A 211 10.23 -26.44 1.50
CA ASN A 211 9.75 -25.22 0.87
C ASN A 211 10.04 -25.26 -0.63
N THR A 212 9.08 -24.83 -1.45
CA THR A 212 9.29 -24.75 -2.90
C THR A 212 9.29 -23.29 -3.36
N ARG A 213 10.04 -23.05 -4.43
CA ARG A 213 10.04 -21.80 -5.15
C ARG A 213 10.06 -22.12 -6.64
N ASP A 214 9.82 -21.10 -7.46
CA ASP A 214 9.77 -21.22 -8.91
C ASP A 214 10.99 -20.48 -9.46
N TYR A 215 12.01 -21.23 -9.90
CA TYR A 215 13.30 -20.62 -10.23
C TYR A 215 13.37 -20.28 -11.71
N VAL A 216 13.55 -18.99 -11.99
CA VAL A 216 13.52 -18.43 -13.34
C VAL A 216 14.83 -17.67 -13.55
N PHE A 217 15.49 -17.91 -14.70
CA PHE A 217 16.83 -17.39 -14.95
C PHE A 217 16.76 -15.91 -15.31
N VAL A 218 17.80 -15.15 -14.92
CA VAL A 218 17.80 -13.69 -14.97
C VAL A 218 17.58 -13.18 -16.40
N ASP A 219 18.19 -13.83 -17.40
CA ASP A 219 18.10 -13.38 -18.78
C ASP A 219 16.66 -13.42 -19.28
N ASP A 220 15.90 -14.43 -18.84
CA ASP A 220 14.49 -14.59 -19.20
C ASP A 220 13.68 -13.45 -18.61
N VAL A 221 13.97 -13.11 -17.34
CA VAL A 221 13.25 -12.07 -16.64
C VAL A 221 13.47 -10.73 -17.36
N VAL A 222 14.74 -10.49 -17.71
CA VAL A 222 15.15 -9.28 -18.40
C VAL A 222 14.39 -9.13 -19.72
N ASP A 223 14.20 -10.24 -20.44
CA ASP A 223 13.46 -10.21 -21.71
C ASP A 223 12.01 -9.78 -21.46
N ALA A 224 11.46 -10.18 -20.31
CA ALA A 224 10.08 -9.80 -19.98
C ALA A 224 9.96 -8.30 -19.78
N PHE A 225 10.96 -7.69 -19.11
CA PHE A 225 10.98 -6.25 -18.90
C PHE A 225 10.96 -5.51 -20.24
N VAL A 226 11.76 -5.99 -21.21
CA VAL A 226 11.90 -5.35 -22.51
C VAL A 226 10.56 -5.38 -23.25
N ARG A 227 9.91 -6.56 -23.30
CA ARG A 227 8.66 -6.75 -24.03
C ARG A 227 7.57 -5.84 -23.46
N VAL A 228 7.55 -5.68 -22.13
CA VAL A 228 6.42 -5.04 -21.48
C VAL A 228 6.61 -3.52 -21.47
N SER A 229 7.78 -3.05 -21.93
CA SER A 229 8.08 -1.63 -21.94
C SER A 229 7.31 -0.90 -23.05
N ALA A 230 6.79 -1.64 -24.03
CA ALA A 230 6.04 -1.05 -25.13
C ALA A 230 4.64 -0.66 -24.64
N ASP A 231 3.77 -0.24 -25.56
CA ASP A 231 2.41 0.14 -25.22
C ASP A 231 1.55 -1.12 -25.18
N VAL A 232 1.71 -1.91 -24.12
CA VAL A 232 1.02 -3.18 -23.94
C VAL A 232 0.92 -3.48 -22.45
N GLY A 233 -0.26 -3.95 -22.01
CA GLY A 233 -0.45 -4.41 -20.64
C GLY A 233 -0.50 -3.27 -19.61
N GLY A 234 -1.02 -2.11 -20.03
CA GLY A 234 -1.19 -0.99 -19.13
C GLY A 234 -2.09 -1.33 -17.94
N GLY A 235 -1.59 -1.12 -16.72
CA GLY A 235 -2.35 -1.39 -15.50
C GLY A 235 -2.31 -2.85 -15.05
N LEU A 236 -1.60 -3.71 -15.80
CA LEU A 236 -1.65 -5.14 -15.57
C LEU A 236 -0.36 -5.64 -14.93
N ARG A 237 -0.49 -6.72 -14.14
CA ARG A 237 0.60 -7.53 -13.65
C ARG A 237 0.82 -8.73 -14.57
N PHE A 238 2.09 -9.07 -14.79
CA PHE A 238 2.46 -10.30 -15.48
C PHE A 238 3.37 -11.14 -14.59
N ASN A 239 2.92 -12.36 -14.27
CA ASN A 239 3.75 -13.34 -13.59
C ASN A 239 4.86 -13.75 -14.53
N ILE A 240 6.09 -13.76 -14.02
CA ILE A 240 7.27 -14.13 -14.77
C ILE A 240 8.00 -15.22 -13.99
N GLY A 241 7.87 -16.46 -14.46
CA GLY A 241 8.44 -17.63 -13.80
C GLY A 241 8.46 -18.81 -14.78
N THR A 242 8.57 -20.04 -14.25
CA THR A 242 8.59 -21.24 -15.09
C THR A 242 7.36 -22.09 -14.84
N GLY A 243 6.66 -21.86 -13.73
CA GLY A 243 5.51 -22.68 -13.37
C GLY A 243 5.90 -24.07 -12.86
N LYS A 244 7.15 -24.22 -12.40
CA LYS A 244 7.66 -25.46 -11.84
C LYS A 244 8.23 -25.20 -10.45
N GLU A 245 7.92 -26.11 -9.51
CA GLU A 245 8.32 -25.98 -8.11
C GLU A 245 9.58 -26.80 -7.87
N THR A 246 10.56 -26.19 -7.18
CA THR A 246 11.77 -26.87 -6.73
C THR A 246 11.90 -26.64 -5.23
N SER A 247 12.08 -27.73 -4.46
CA SER A 247 12.26 -27.61 -3.02
C SER A 247 13.67 -27.09 -2.70
N ASP A 248 13.83 -26.51 -1.51
CA ASP A 248 15.12 -26.07 -1.01
C ASP A 248 16.13 -27.22 -1.09
N ARG A 249 15.67 -28.42 -0.70
CA ARG A 249 16.53 -29.60 -0.64
C ARG A 249 16.92 -30.03 -2.06
N GLN A 250 15.96 -30.01 -2.99
CA GLN A 250 16.23 -30.38 -4.37
C GLN A 250 17.19 -29.38 -5.00
N LEU A 251 16.97 -28.09 -4.72
CA LEU A 251 17.83 -27.02 -5.22
C LEU A 251 19.27 -27.24 -4.75
N HIS A 252 19.44 -27.52 -3.45
CA HIS A 252 20.75 -27.78 -2.89
C HIS A 252 21.43 -28.94 -3.62
N SER A 253 20.66 -29.99 -3.94
CA SER A 253 21.20 -31.16 -4.60
C SER A 253 21.69 -30.79 -6.01
N ALA A 254 20.91 -29.98 -6.71
CA ALA A 254 21.22 -29.54 -8.07
C ALA A 254 22.51 -28.72 -8.09
N VAL A 255 22.67 -27.80 -7.12
CA VAL A 255 23.82 -26.93 -7.08
C VAL A 255 25.08 -27.73 -6.73
N ALA A 256 24.93 -28.67 -5.78
CA ALA A 256 26.04 -29.50 -5.33
C ALA A 256 26.54 -30.40 -6.46
N ALA A 257 25.59 -30.92 -7.25
CA ALA A 257 25.93 -31.78 -8.38
C ALA A 257 26.67 -30.98 -9.44
N ALA A 258 26.34 -29.69 -9.56
CA ALA A 258 27.01 -28.81 -10.51
C ALA A 258 28.40 -28.44 -10.01
N VAL A 259 28.52 -28.22 -8.69
CA VAL A 259 29.80 -27.84 -8.11
C VAL A 259 30.71 -29.06 -8.06
N GLY A 260 30.11 -30.22 -7.79
CA GLY A 260 30.83 -31.39 -7.31
C GLY A 260 31.03 -31.27 -5.80
N GLY A 261 31.38 -32.38 -5.15
CA GLY A 261 31.57 -32.36 -3.71
C GLY A 261 30.28 -32.69 -2.96
N PRO A 262 30.24 -32.47 -1.62
CA PRO A 262 29.16 -33.00 -0.79
C PRO A 262 27.82 -32.30 -1.00
N ASP A 263 26.74 -33.05 -0.71
CA ASP A 263 25.38 -32.56 -0.73
C ASP A 263 24.77 -32.81 0.65
N ASP A 264 25.18 -31.98 1.61
CA ASP A 264 24.90 -32.22 3.02
C ASP A 264 24.69 -30.88 3.70
N PRO A 265 23.54 -30.20 3.47
CA PRO A 265 23.25 -28.92 4.12
C PRO A 265 22.86 -29.13 5.57
N GLU A 266 23.19 -28.14 6.41
CA GLU A 266 22.63 -28.05 7.75
C GLU A 266 21.15 -27.71 7.64
N PHE A 267 20.38 -28.07 8.66
CA PHE A 267 18.98 -27.70 8.73
C PHE A 267 18.82 -26.69 9.86
N HIS A 268 18.22 -25.52 9.56
CA HIS A 268 18.05 -24.46 10.53
C HIS A 268 16.57 -24.21 10.79
N PRO A 269 16.20 -23.51 11.88
CA PRO A 269 14.79 -23.25 12.18
C PRO A 269 14.13 -22.47 11.05
N PRO A 270 12.79 -22.61 10.87
CA PRO A 270 12.05 -21.87 9.85
C PRO A 270 12.17 -20.36 10.05
N ARG A 271 12.05 -19.61 8.94
CA ARG A 271 12.22 -18.16 8.95
C ARG A 271 10.86 -17.51 8.85
N LEU A 272 10.51 -16.71 9.86
CA LEU A 272 9.22 -16.02 9.91
C LEU A 272 9.09 -15.11 8.68
N GLY A 273 7.96 -15.28 7.97
CA GLY A 273 7.64 -14.45 6.82
C GLY A 273 7.79 -15.20 5.50
N ASP A 274 8.51 -16.34 5.54
CA ASP A 274 8.78 -17.16 4.35
C ASP A 274 7.61 -18.10 4.08
N LEU A 275 7.12 -18.10 2.84
CA LEU A 275 6.04 -18.97 2.41
C LEU A 275 6.57 -20.39 2.22
N LYS A 276 5.66 -21.36 2.24
CA LYS A 276 6.00 -22.77 2.12
C LYS A 276 6.12 -23.17 0.65
N ARG A 277 5.33 -22.54 -0.22
CA ARG A 277 5.24 -22.90 -1.63
C ARG A 277 5.07 -21.65 -2.50
N SER A 278 5.59 -21.73 -3.73
CA SER A 278 5.49 -20.64 -4.69
C SER A 278 5.65 -21.21 -6.11
N CYS A 279 4.66 -20.91 -6.97
CA CYS A 279 4.64 -21.42 -8.34
C CYS A 279 3.67 -20.57 -9.15
N LEU A 280 4.16 -20.05 -10.28
CA LEU A 280 3.43 -19.04 -11.04
C LEU A 280 2.91 -19.60 -12.37
N ASP A 281 1.64 -19.29 -12.66
CA ASP A 281 1.03 -19.49 -13.97
C ASP A 281 1.49 -18.36 -14.89
N ILE A 282 2.10 -18.73 -16.02
CA ILE A 282 2.77 -17.75 -16.89
C ILE A 282 2.04 -17.66 -18.23
N GLY A 283 0.78 -18.10 -18.27
CA GLY A 283 0.00 -18.09 -19.51
C GLY A 283 -0.21 -16.68 -20.06
N LEU A 284 -0.45 -15.71 -19.16
CA LEU A 284 -0.80 -14.36 -19.58
C LEU A 284 0.38 -13.71 -20.32
N ALA A 285 1.59 -13.86 -19.77
CA ALA A 285 2.78 -13.29 -20.37
C ALA A 285 3.01 -13.93 -21.74
N GLU A 286 2.70 -15.23 -21.86
CA GLU A 286 2.87 -15.91 -23.13
C GLU A 286 1.96 -15.30 -24.20
N ARG A 287 0.66 -15.16 -23.89
CA ARG A 287 -0.30 -14.71 -24.88
C ARG A 287 -0.06 -13.23 -25.22
N VAL A 288 0.01 -12.38 -24.19
CA VAL A 288 0.01 -10.94 -24.37
C VAL A 288 1.34 -10.46 -24.94
N LEU A 289 2.44 -10.96 -24.37
CA LEU A 289 3.76 -10.41 -24.66
C LEU A 289 4.55 -11.33 -25.60
N GLY A 290 4.10 -12.58 -25.73
CA GLY A 290 4.86 -13.59 -26.45
C GLY A 290 6.10 -14.03 -25.68
N TRP A 291 6.04 -13.88 -24.34
CA TRP A 291 7.15 -14.22 -23.46
C TRP A 291 7.04 -15.68 -23.00
N ARG A 292 8.17 -16.40 -23.09
CA ARG A 292 8.34 -17.72 -22.53
C ARG A 292 9.76 -17.83 -21.99
N PRO A 293 9.99 -18.51 -20.83
CA PRO A 293 11.34 -18.71 -20.31
C PRO A 293 12.08 -19.76 -21.14
N GLN A 294 13.37 -19.51 -21.40
CA GLN A 294 14.19 -20.32 -22.27
C GLN A 294 15.08 -21.27 -21.47
N ILE A 295 15.47 -20.83 -20.26
CA ILE A 295 16.53 -21.51 -19.53
C ILE A 295 15.92 -22.37 -18.41
N GLU A 296 16.09 -23.69 -18.55
CA GLU A 296 15.67 -24.65 -17.54
CA GLU A 296 15.66 -24.64 -17.54
C GLU A 296 16.65 -24.63 -16.38
N LEU A 297 16.17 -25.01 -15.18
CA LEU A 297 16.94 -24.90 -13.95
C LEU A 297 18.32 -25.54 -14.08
N ALA A 298 18.37 -26.78 -14.62
CA ALA A 298 19.63 -27.49 -14.71
C ALA A 298 20.68 -26.67 -15.47
N ASP A 299 20.27 -26.11 -16.62
CA ASP A 299 21.11 -25.26 -17.46
C ASP A 299 21.51 -24.02 -16.68
N GLY A 300 20.50 -23.38 -16.06
CA GLY A 300 20.71 -22.13 -15.34
C GLY A 300 21.70 -22.29 -14.19
N VAL A 301 21.58 -23.40 -13.46
CA VAL A 301 22.45 -23.68 -12.32
C VAL A 301 23.89 -23.80 -12.80
N ARG A 302 24.11 -24.54 -13.90
CA ARG A 302 25.43 -24.75 -14.47
C ARG A 302 26.07 -23.40 -14.80
N ARG A 303 25.31 -22.54 -15.50
CA ARG A 303 25.79 -21.25 -15.94
C ARG A 303 26.15 -20.38 -14.75
N THR A 304 25.33 -20.46 -13.70
CA THR A 304 25.51 -19.65 -12.50
C THR A 304 26.79 -20.07 -11.77
N VAL A 305 26.93 -21.38 -11.54
CA VAL A 305 28.06 -21.96 -10.84
C VAL A 305 29.34 -21.60 -11.58
N GLU A 306 29.32 -21.80 -12.91
CA GLU A 306 30.48 -21.55 -13.75
C GLU A 306 30.88 -20.07 -13.65
N TYR A 307 29.88 -19.21 -13.50
CA TYR A 307 30.13 -17.76 -13.34
C TYR A 307 30.82 -17.49 -12.00
N PHE A 308 30.45 -18.24 -10.96
CA PHE A 308 31.04 -17.99 -9.61
C PHE A 308 32.42 -18.63 -9.49
N ARG A 309 32.69 -19.65 -10.29
CA ARG A 309 34.00 -20.34 -10.24
C ARG A 309 35.11 -19.35 -10.62
N HIS A 310 34.81 -18.39 -11.48
CA HIS A 310 35.86 -17.46 -11.97
C HIS A 310 35.83 -16.14 -11.21
N MET B 1 -12.45 -2.20 28.89
CA MET B 1 -11.11 -2.42 28.29
CA MET B 1 -11.14 -2.39 28.21
C MET B 1 -10.29 -1.13 28.33
N ARG B 2 -8.99 -1.27 28.10
CA ARG B 2 -8.11 -0.15 27.83
C ARG B 2 -8.10 0.04 26.32
N ALA B 3 -8.52 1.22 25.86
CA ALA B 3 -8.52 1.54 24.44
C ALA B 3 -7.60 2.73 24.18
N LEU B 4 -6.96 2.73 23.00
CA LEU B 4 -6.23 3.89 22.54
C LEU B 4 -6.78 4.28 21.17
N VAL B 5 -7.00 5.59 20.99
CA VAL B 5 -7.58 6.13 19.77
C VAL B 5 -6.61 7.13 19.16
N THR B 6 -6.04 6.78 18.00
CA THR B 6 -5.29 7.77 17.21
C THR B 6 -6.29 8.65 16.46
N GLY B 7 -5.88 9.89 16.18
CA GLY B 7 -6.77 10.87 15.59
C GLY B 7 -7.86 11.33 16.57
N ALA B 8 -7.55 11.23 17.87
CA ALA B 8 -8.53 11.44 18.93
C ALA B 8 -9.01 12.90 19.01
N ALA B 9 -8.24 13.85 18.49
CA ALA B 9 -8.64 15.25 18.53
C ALA B 9 -9.47 15.63 17.31
N GLY B 10 -9.75 14.65 16.45
CA GLY B 10 -10.48 14.89 15.21
C GLY B 10 -11.99 14.70 15.38
N PHE B 11 -12.72 14.88 14.28
CA PHE B 11 -14.17 14.77 14.20
C PHE B 11 -14.66 13.41 14.69
N ILE B 12 -14.31 12.34 13.98
CA ILE B 12 -14.85 11.02 14.31
C ILE B 12 -14.16 10.49 15.57
N GLY B 13 -12.85 10.72 15.65
CA GLY B 13 -12.01 10.28 16.76
C GLY B 13 -12.51 10.78 18.12
N SER B 14 -12.81 12.08 18.23
CA SER B 14 -13.24 12.62 19.51
C SER B 14 -14.60 12.06 19.92
N THR B 15 -15.47 11.86 18.92
CA THR B 15 -16.79 11.28 19.12
C THR B 15 -16.65 9.84 19.62
N LEU B 16 -15.71 9.09 19.02
CA LEU B 16 -15.46 7.72 19.41
C LEU B 16 -14.93 7.66 20.86
N VAL B 17 -14.03 8.59 21.20
CA VAL B 17 -13.51 8.65 22.55
C VAL B 17 -14.68 8.76 23.55
N ASP B 18 -15.65 9.62 23.22
CA ASP B 18 -16.80 9.89 24.08
C ASP B 18 -17.62 8.61 24.29
N ARG B 19 -17.87 7.89 23.19
CA ARG B 19 -18.64 6.66 23.24
C ARG B 19 -17.94 5.61 24.11
N LEU B 20 -16.61 5.49 23.95
CA LEU B 20 -15.85 4.46 24.64
C LEU B 20 -15.86 4.74 26.14
N LEU B 21 -15.69 6.02 26.50
CA LEU B 21 -15.81 6.47 27.88
C LEU B 21 -17.20 6.17 28.43
N ALA B 22 -18.24 6.52 27.65
CA ALA B 22 -19.62 6.29 28.06
C ALA B 22 -19.87 4.80 28.35
N ASP B 23 -19.15 3.92 27.64
CA ASP B 23 -19.32 2.48 27.77
C ASP B 23 -18.51 1.93 28.95
N GLY B 24 -17.75 2.81 29.61
CA GLY B 24 -17.03 2.44 30.82
C GLY B 24 -15.57 2.06 30.59
N HIS B 25 -15.06 2.30 29.37
CA HIS B 25 -13.67 1.97 29.08
C HIS B 25 -12.74 3.08 29.55
N SER B 26 -11.45 2.76 29.74
CA SER B 26 -10.44 3.79 29.81
C SER B 26 -9.92 4.07 28.39
N VAL B 27 -9.66 5.35 28.09
CA VAL B 27 -9.33 5.73 26.72
C VAL B 27 -8.10 6.62 26.72
N VAL B 28 -7.06 6.17 26.00
CA VAL B 28 -5.96 7.06 25.67
C VAL B 28 -6.23 7.66 24.30
N GLY B 29 -6.21 8.99 24.21
CA GLY B 29 -6.26 9.68 22.93
C GLY B 29 -4.86 10.07 22.47
N LEU B 30 -4.64 10.03 21.16
CA LEU B 30 -3.36 10.37 20.54
C LEU B 30 -3.64 11.21 19.29
N ASP B 31 -2.88 12.30 19.13
CA ASP B 31 -3.06 13.24 18.03
C ASP B 31 -1.87 14.20 17.95
N ASN B 32 -1.64 14.78 16.77
CA ASN B 32 -0.60 15.79 16.59
C ASN B 32 -1.21 17.11 16.13
N PHE B 33 -2.55 17.15 16.00
CA PHE B 33 -3.29 18.36 15.67
C PHE B 33 -2.94 18.88 14.28
N ALA B 34 -2.62 17.96 13.37
CA ALA B 34 -2.46 18.31 11.97
C ALA B 34 -3.75 18.94 11.47
N THR B 35 -4.90 18.32 11.80
CA THR B 35 -6.20 18.80 11.37
C THR B 35 -7.18 18.85 12.54
N GLY B 36 -6.78 18.26 13.68
CA GLY B 36 -7.65 18.19 14.84
C GLY B 36 -7.72 19.52 15.60
N ARG B 37 -8.55 19.54 16.65
CA ARG B 37 -8.90 20.76 17.37
C ARG B 37 -8.98 20.47 18.87
N ALA B 38 -8.29 21.29 19.68
CA ALA B 38 -8.29 21.15 21.13
C ALA B 38 -9.72 21.18 21.68
N THR B 39 -10.60 21.96 21.04
CA THR B 39 -11.97 22.14 21.51
C THR B 39 -12.76 20.83 21.42
N ASN B 40 -12.29 19.87 20.61
CA ASN B 40 -12.99 18.60 20.46
C ASN B 40 -12.89 17.73 21.71
N LEU B 41 -11.85 17.96 22.54
CA LEU B 41 -11.57 17.13 23.69
C LEU B 41 -11.61 17.93 25.00
N GLU B 42 -11.90 19.23 24.92
CA GLU B 42 -11.70 20.11 26.08
C GLU B 42 -12.57 19.72 27.27
N HIS B 43 -13.70 19.04 27.00
CA HIS B 43 -14.66 18.67 28.03
C HIS B 43 -14.15 17.52 28.89
N LEU B 44 -13.04 16.90 28.47
CA LEU B 44 -12.52 15.69 29.10
C LEU B 44 -11.42 16.02 30.10
N ALA B 45 -11.14 17.32 30.31
CA ALA B 45 -9.98 17.75 31.07
C ALA B 45 -9.90 17.07 32.43
N ASP B 46 -11.06 16.82 33.05
CA ASP B 46 -11.12 16.36 34.43
C ASP B 46 -11.55 14.91 34.53
N ASN B 47 -11.67 14.22 33.38
CA ASN B 47 -12.10 12.83 33.35
C ASN B 47 -10.85 11.94 33.48
N SER B 48 -10.76 11.21 34.60
CA SER B 48 -9.55 10.48 34.94
C SER B 48 -9.46 9.17 34.15
N ALA B 49 -10.55 8.77 33.52
CA ALA B 49 -10.55 7.58 32.64
C ALA B 49 -9.96 7.94 31.27
N HIS B 50 -9.62 9.21 31.07
CA HIS B 50 -9.05 9.69 29.78
C HIS B 50 -7.66 10.30 29.95
N VAL B 51 -6.73 9.88 29.12
CA VAL B 51 -5.39 10.44 29.05
C VAL B 51 -5.15 10.83 27.60
N PHE B 52 -4.54 12.01 27.38
CA PHE B 52 -4.20 12.46 26.04
C PHE B 52 -2.70 12.56 25.84
N VAL B 53 -2.23 12.01 24.70
CA VAL B 53 -0.83 12.01 24.32
C VAL B 53 -0.69 12.76 22.98
N GLU B 54 0.07 13.85 22.97
CA GLU B 54 0.35 14.51 21.70
C GLU B 54 1.51 13.77 21.02
N ALA B 55 1.27 13.30 19.80
CA ALA B 55 2.26 12.46 19.13
C ALA B 55 1.97 12.43 17.64
N ASP B 56 3.05 12.46 16.85
CA ASP B 56 3.00 12.27 15.40
C ASP B 56 3.31 10.81 15.11
N ILE B 57 2.33 10.10 14.54
CA ILE B 57 2.46 8.67 14.29
C ILE B 57 3.62 8.38 13.34
N VAL B 58 4.03 9.39 12.56
CA VAL B 58 5.12 9.19 11.61
C VAL B 58 6.46 9.08 12.34
N THR B 59 6.64 9.82 13.45
CA THR B 59 7.97 9.92 14.03
C THR B 59 8.00 9.53 15.52
N ALA B 60 6.85 9.57 16.22
CA ALA B 60 6.84 9.35 17.65
C ALA B 60 7.29 7.93 17.99
N ASP B 61 7.80 7.76 19.22
CA ASP B 61 8.12 6.45 19.73
C ASP B 61 6.82 5.75 20.13
N LEU B 62 6.15 5.14 19.15
CA LEU B 62 4.86 4.52 19.38
C LEU B 62 5.02 3.27 20.24
N HIS B 63 6.17 2.60 20.12
CA HIS B 63 6.46 1.44 20.94
C HIS B 63 6.36 1.83 22.42
N ALA B 64 7.03 2.93 22.79
CA ALA B 64 7.12 3.37 24.17
C ALA B 64 5.74 3.78 24.70
N ILE B 65 4.94 4.39 23.82
CA ILE B 65 3.61 4.89 24.18
C ILE B 65 2.68 3.71 24.49
N LEU B 66 2.67 2.71 23.58
CA LEU B 66 1.83 1.53 23.73
C LEU B 66 2.31 0.66 24.89
N GLU B 67 3.62 0.64 25.12
CA GLU B 67 4.20 -0.11 26.23
C GLU B 67 3.72 0.48 27.55
N GLN B 68 3.63 1.82 27.61
CA GLN B 68 3.20 2.53 28.81
C GLN B 68 1.71 2.30 29.05
N HIS B 69 0.90 2.42 27.99
CA HIS B 69 -0.54 2.54 28.17
C HIS B 69 -1.26 1.19 28.02
N ARG B 70 -0.59 0.23 27.37
CA ARG B 70 -1.06 -1.16 27.25
C ARG B 70 -2.53 -1.22 26.78
N PRO B 71 -2.91 -0.63 25.63
CA PRO B 71 -4.27 -0.77 25.13
C PRO B 71 -4.55 -2.19 24.65
N GLU B 72 -5.78 -2.65 24.89
CA GLU B 72 -6.26 -3.92 24.36
C GLU B 72 -6.60 -3.75 22.88
N VAL B 73 -7.29 -2.64 22.56
CA VAL B 73 -7.66 -2.33 21.18
C VAL B 73 -7.14 -0.94 20.82
N VAL B 74 -6.52 -0.83 19.64
CA VAL B 74 -6.17 0.46 19.06
C VAL B 74 -7.19 0.77 17.97
N PHE B 75 -7.88 1.89 18.11
CA PHE B 75 -8.73 2.44 17.06
C PHE B 75 -7.90 3.47 16.29
N HIS B 76 -7.58 3.17 15.04
CA HIS B 76 -6.64 3.99 14.27
C HIS B 76 -7.40 4.91 13.32
N LEU B 77 -7.54 6.19 13.70
CA LEU B 77 -8.27 7.15 12.90
C LEU B 77 -7.36 8.30 12.45
N ALA B 78 -6.11 8.30 12.92
CA ALA B 78 -5.17 9.33 12.51
C ALA B 78 -4.80 9.13 11.04
N ALA B 79 -4.96 10.21 10.26
CA ALA B 79 -4.71 10.15 8.83
C ALA B 79 -4.75 11.56 8.23
N GLN B 80 -4.08 11.70 7.08
CA GLN B 80 -4.29 12.79 6.14
C GLN B 80 -5.60 12.48 5.40
N ILE B 81 -6.60 13.35 5.50
CA ILE B 81 -7.96 12.97 5.13
C ILE B 81 -8.40 13.61 3.82
N ASP B 82 -7.62 14.57 3.32
CA ASP B 82 -8.05 15.39 2.20
CA ASP B 82 -8.02 15.41 2.20
C ASP B 82 -7.54 14.79 0.89
N VAL B 83 -8.48 14.45 0.01
CA VAL B 83 -8.16 13.84 -1.27
C VAL B 83 -7.32 14.80 -2.12
N ARG B 84 -7.71 16.08 -2.15
CA ARG B 84 -7.01 17.06 -2.98
C ARG B 84 -5.56 17.24 -2.51
N ARG B 85 -5.36 17.28 -1.19
CA ARG B 85 -4.03 17.42 -0.62
C ARG B 85 -3.17 16.20 -0.99
N SER B 86 -3.80 15.03 -1.07
CA SER B 86 -3.08 13.79 -1.39
C SER B 86 -2.57 13.84 -2.83
N VAL B 87 -3.34 14.47 -3.72
CA VAL B 87 -2.95 14.66 -5.11
C VAL B 87 -1.79 15.67 -5.18
N ALA B 88 -1.88 16.72 -4.36
CA ALA B 88 -0.90 17.79 -4.34
C ALA B 88 0.42 17.31 -3.73
N ASP B 89 0.34 16.47 -2.70
CA ASP B 89 1.52 15.95 -2.02
C ASP B 89 1.29 14.47 -1.70
N PRO B 90 1.43 13.57 -2.70
CA PRO B 90 1.21 12.14 -2.46
C PRO B 90 2.20 11.53 -1.45
N GLN B 91 3.43 12.07 -1.40
CA GLN B 91 4.45 11.54 -0.49
C GLN B 91 4.01 11.76 0.96
N PHE B 92 3.61 13.00 1.28
CA PHE B 92 3.17 13.33 2.64
C PHE B 92 2.00 12.44 3.05
N ASP B 93 1.02 12.29 2.14
CA ASP B 93 -0.16 11.49 2.39
C ASP B 93 0.22 10.05 2.67
N ALA B 94 1.18 9.52 1.89
CA ALA B 94 1.61 8.14 2.03
C ALA B 94 2.40 7.96 3.34
N ALA B 95 3.15 8.99 3.73
CA ALA B 95 3.95 8.95 4.95
C ALA B 95 3.01 8.81 6.15
N VAL B 96 1.93 9.59 6.18
CA VAL B 96 1.02 9.55 7.30
C VAL B 96 0.19 8.25 7.25
N ASN B 97 -0.37 7.94 6.08
CA ASN B 97 -1.42 6.92 5.98
C ASN B 97 -0.82 5.52 5.86
N VAL B 98 0.34 5.41 5.20
CA VAL B 98 0.98 4.10 5.06
C VAL B 98 2.06 3.92 6.12
N ILE B 99 3.13 4.74 6.10
CA ILE B 99 4.21 4.59 7.06
C ILE B 99 3.64 4.67 8.49
N GLY B 100 2.77 5.66 8.73
CA GLY B 100 2.14 5.84 10.03
C GLY B 100 1.47 4.56 10.53
N THR B 101 0.68 3.91 9.65
CA THR B 101 -0.04 2.68 9.96
C THR B 101 0.95 1.55 10.25
N VAL B 102 2.01 1.44 9.42
CA VAL B 102 3.00 0.39 9.58
C VAL B 102 3.70 0.52 10.94
N ARG B 103 4.05 1.75 11.31
CA ARG B 103 4.77 1.96 12.57
C ARG B 103 3.88 1.58 13.75
N LEU B 104 2.59 1.88 13.64
CA LEU B 104 1.62 1.60 14.70
CA LEU B 104 1.59 1.59 14.67
C LEU B 104 1.48 0.08 14.86
N ALA B 105 1.36 -0.63 13.73
CA ALA B 105 1.22 -2.08 13.72
C ALA B 105 2.45 -2.74 14.33
N GLU B 106 3.64 -2.26 13.93
CA GLU B 106 4.91 -2.80 14.39
C GLU B 106 5.03 -2.63 15.90
N ALA B 107 4.59 -1.47 16.40
CA ALA B 107 4.60 -1.18 17.83
C ALA B 107 3.58 -2.07 18.55
N ALA B 108 2.39 -2.20 17.97
CA ALA B 108 1.27 -2.91 18.61
C ALA B 108 1.57 -4.41 18.73
N ARG B 109 2.24 -4.99 17.74
CA ARG B 109 2.52 -6.42 17.75
C ARG B 109 3.53 -6.77 18.84
N GLN B 110 4.24 -5.75 19.35
CA GLN B 110 5.30 -5.96 20.33
C GLN B 110 4.82 -5.68 21.76
N THR B 111 3.62 -5.13 21.92
CA THR B 111 3.20 -4.57 23.19
C THR B 111 1.87 -5.14 23.67
N GLY B 112 1.49 -6.32 23.16
CA GLY B 112 0.38 -7.11 23.70
C GLY B 112 -1.01 -6.62 23.29
N VAL B 113 -1.08 -5.67 22.34
CA VAL B 113 -2.35 -5.21 21.80
C VAL B 113 -3.07 -6.41 21.19
N ARG B 114 -4.39 -6.51 21.44
CA ARG B 114 -5.19 -7.60 20.91
C ARG B 114 -5.54 -7.31 19.45
N LYS B 115 -6.01 -6.09 19.18
CA LYS B 115 -6.60 -5.79 17.87
C LYS B 115 -6.38 -4.32 17.51
N ILE B 116 -6.16 -4.08 16.21
CA ILE B 116 -6.21 -2.75 15.64
C ILE B 116 -7.43 -2.66 14.74
N VAL B 117 -8.30 -1.68 15.01
CA VAL B 117 -9.39 -1.35 14.11
C VAL B 117 -8.92 -0.19 13.23
N HIS B 118 -8.69 -0.49 11.95
CA HIS B 118 -8.21 0.50 10.99
C HIS B 118 -9.41 1.28 10.43
N THR B 119 -9.15 2.53 10.01
CA THR B 119 -10.12 3.28 9.25
C THR B 119 -9.67 3.34 7.81
N SER B 120 -10.41 2.66 6.93
CA SER B 120 -10.25 2.72 5.49
C SER B 120 -11.17 3.81 4.94
N SER B 121 -11.40 3.79 3.62
CA SER B 121 -12.28 4.76 3.00
C SER B 121 -13.20 4.06 2.01
N GLY B 122 -14.35 3.58 2.53
CA GLY B 122 -15.36 2.92 1.71
C GLY B 122 -15.75 3.80 0.52
N GLY B 123 -15.79 5.11 0.77
CA GLY B 123 -16.25 6.08 -0.21
C GLY B 123 -15.35 6.17 -1.45
N SER B 124 -14.06 5.80 -1.33
CA SER B 124 -13.11 6.11 -2.38
C SER B 124 -12.34 4.90 -2.90
N ILE B 125 -12.20 3.83 -2.10
CA ILE B 125 -11.28 2.75 -2.44
C ILE B 125 -11.75 1.95 -3.66
N TYR B 126 -13.04 2.00 -3.99
CA TYR B 126 -13.58 1.15 -5.04
C TYR B 126 -13.46 1.79 -6.41
N GLY B 127 -13.17 3.10 -6.45
CA GLY B 127 -13.07 3.83 -7.70
C GLY B 127 -14.41 3.92 -8.40
N THR B 128 -14.50 3.32 -9.60
CA THR B 128 -15.73 3.24 -10.37
CA THR B 128 -15.74 3.24 -10.35
C THR B 128 -16.13 1.78 -10.52
N PRO B 129 -16.68 1.13 -9.47
CA PRO B 129 -17.06 -0.28 -9.55
C PRO B 129 -18.30 -0.46 -10.41
N PRO B 130 -18.54 -1.66 -11.00
CA PRO B 130 -19.78 -1.92 -11.73
C PRO B 130 -21.02 -2.11 -10.84
N GLU B 131 -20.81 -2.20 -9.52
CA GLU B 131 -21.90 -2.43 -8.58
C GLU B 131 -22.06 -1.25 -7.64
N TYR B 132 -23.28 -0.69 -7.61
CA TYR B 132 -23.73 0.21 -6.56
C TYR B 132 -25.11 -0.24 -6.12
N PRO B 133 -25.37 -0.41 -4.80
CA PRO B 133 -24.37 -0.26 -3.75
C PRO B 133 -23.23 -1.26 -3.89
N THR B 134 -22.02 -0.85 -3.48
CA THR B 134 -20.81 -1.62 -3.69
C THR B 134 -20.53 -2.52 -2.49
N PRO B 135 -20.43 -3.86 -2.69
CA PRO B 135 -20.04 -4.78 -1.62
C PRO B 135 -18.53 -4.85 -1.46
N GLU B 136 -18.07 -5.37 -0.30
CA GLU B 136 -16.66 -5.45 0.02
C GLU B 136 -15.94 -6.41 -0.93
N THR B 137 -16.71 -7.26 -1.63
CA THR B 137 -16.14 -8.24 -2.54
C THR B 137 -15.69 -7.58 -3.85
N ALA B 138 -16.14 -6.34 -4.09
CA ALA B 138 -15.75 -5.63 -5.30
C ALA B 138 -14.25 -5.29 -5.21
N PRO B 139 -13.46 -5.53 -6.27
CA PRO B 139 -12.04 -5.15 -6.26
C PRO B 139 -11.85 -3.67 -5.97
N THR B 140 -10.78 -3.34 -5.23
CA THR B 140 -10.42 -1.95 -5.00
C THR B 140 -9.79 -1.40 -6.27
N ASP B 141 -10.04 -0.11 -6.55
CA ASP B 141 -9.49 0.55 -7.72
C ASP B 141 -9.34 2.03 -7.42
N PRO B 142 -8.44 2.40 -6.47
CA PRO B 142 -8.27 3.81 -6.08
C PRO B 142 -7.86 4.72 -7.23
N ALA B 143 -8.41 5.93 -7.21
CA ALA B 143 -8.16 6.92 -8.25
C ALA B 143 -7.55 8.17 -7.63
N SER B 144 -7.25 8.12 -6.32
CA SER B 144 -6.52 9.17 -5.65
C SER B 144 -5.47 8.55 -4.73
N PRO B 145 -4.33 9.26 -4.47
CA PRO B 145 -3.30 8.74 -3.57
C PRO B 145 -3.84 8.45 -2.18
N TYR B 146 -4.78 9.29 -1.70
CA TYR B 146 -5.48 9.06 -0.44
C TYR B 146 -6.09 7.67 -0.40
N ALA B 147 -6.85 7.31 -1.44
CA ALA B 147 -7.55 6.04 -1.49
C ALA B 147 -6.54 4.89 -1.57
N ALA B 148 -5.49 5.07 -2.37
CA ALA B 148 -4.43 4.09 -2.51
C ALA B 148 -3.81 3.77 -1.14
N GLY B 149 -3.45 4.82 -0.40
CA GLY B 149 -2.85 4.67 0.93
C GLY B 149 -3.79 3.96 1.90
N LYS B 150 -5.10 4.19 1.76
CA LYS B 150 -6.06 3.55 2.64
C LYS B 150 -6.06 2.04 2.38
N VAL B 151 -6.09 1.65 1.10
CA VAL B 151 -5.99 0.26 0.72
C VAL B 151 -4.68 -0.32 1.25
N ALA B 152 -3.58 0.42 1.05
CA ALA B 152 -2.25 -0.01 1.48
C ALA B 152 -2.22 -0.34 2.98
N GLY B 153 -2.89 0.49 3.78
CA GLY B 153 -2.96 0.27 5.22
C GLY B 153 -3.70 -1.01 5.58
N GLU B 154 -4.83 -1.27 4.90
CA GLU B 154 -5.57 -2.51 5.09
C GLU B 154 -4.65 -3.70 4.87
N ILE B 155 -3.90 -3.66 3.76
CA ILE B 155 -3.09 -4.79 3.32
C ILE B 155 -1.98 -5.05 4.33
N TYR B 156 -1.31 -3.98 4.78
CA TYR B 156 -0.27 -4.08 5.78
C TYR B 156 -0.81 -4.70 7.07
N LEU B 157 -2.00 -4.28 7.51
CA LEU B 157 -2.53 -4.80 8.76
C LEU B 157 -2.90 -6.28 8.61
N ASN B 158 -3.43 -6.64 7.44
CA ASN B 158 -3.69 -8.04 7.12
C ASN B 158 -2.40 -8.86 7.24
N THR B 159 -1.29 -8.25 6.83
CA THR B 159 0.03 -8.89 6.84
C THR B 159 0.50 -9.14 8.28
N PHE B 160 0.32 -8.14 9.16
CA PHE B 160 0.71 -8.29 10.56
C PHE B 160 -0.17 -9.33 11.24
N ARG B 161 -1.40 -9.50 10.74
CA ARG B 161 -2.30 -10.51 11.27
C ARG B 161 -1.77 -11.92 10.94
N HIS B 162 -1.31 -12.11 9.71
CA HIS B 162 -0.70 -13.36 9.28
C HIS B 162 0.57 -13.64 10.08
N LEU B 163 1.38 -12.60 10.30
CA LEU B 163 2.71 -12.75 10.86
C LEU B 163 2.66 -13.06 12.36
N TYR B 164 1.79 -12.33 13.08
CA TYR B 164 1.88 -12.26 14.53
C TYR B 164 0.55 -12.61 15.20
N GLY B 165 -0.52 -12.75 14.41
CA GLY B 165 -1.83 -12.97 14.99
C GLY B 165 -2.39 -11.69 15.64
N LEU B 166 -1.83 -10.53 15.26
CA LEU B 166 -2.39 -9.25 15.67
C LEU B 166 -3.68 -9.03 14.89
N ASP B 167 -4.82 -9.11 15.58
CA ASP B 167 -6.11 -9.09 14.90
C ASP B 167 -6.34 -7.70 14.33
N CYS B 168 -7.12 -7.64 13.24
CA CYS B 168 -7.47 -6.37 12.63
C CYS B 168 -8.83 -6.49 11.93
N SER B 169 -9.53 -5.35 11.86
CA SER B 169 -10.70 -5.17 11.01
C SER B 169 -10.64 -3.76 10.44
N HIS B 170 -11.19 -3.58 9.23
CA HIS B 170 -11.11 -2.29 8.57
C HIS B 170 -12.51 -1.69 8.49
N ILE B 171 -12.75 -0.63 9.27
CA ILE B 171 -13.98 0.13 9.14
C ILE B 171 -13.80 1.05 7.93
N ALA B 172 -14.66 0.87 6.92
CA ALA B 172 -14.56 1.60 5.67
C ALA B 172 -15.80 2.49 5.52
N PRO B 173 -15.80 3.69 6.14
CA PRO B 173 -16.96 4.58 6.06
C PRO B 173 -17.14 5.15 4.66
N ALA B 174 -18.38 5.56 4.38
CA ALA B 174 -18.74 6.34 3.22
C ALA B 174 -18.44 7.82 3.54
N ASN B 175 -19.44 8.70 3.40
CA ASN B 175 -19.23 10.11 3.70
C ASN B 175 -19.81 10.45 5.07
N VAL B 176 -18.92 10.71 6.05
CA VAL B 176 -19.34 10.92 7.43
C VAL B 176 -19.56 12.40 7.71
N TYR B 177 -20.65 12.72 8.42
CA TYR B 177 -21.02 14.10 8.73
C TYR B 177 -21.59 14.17 10.14
N GLY B 178 -21.70 15.40 10.67
CA GLY B 178 -22.30 15.58 11.98
C GLY B 178 -21.52 16.55 12.86
N PRO B 179 -21.90 16.70 14.14
CA PRO B 179 -21.23 17.61 15.06
C PRO B 179 -19.72 17.37 15.18
N ARG B 180 -18.96 18.47 15.17
CA ARG B 180 -17.51 18.52 15.39
C ARG B 180 -16.73 18.44 14.08
N GLN B 181 -17.40 18.15 12.95
CA GLN B 181 -16.72 18.23 11.65
C GLN B 181 -16.32 19.68 11.41
N ASP B 182 -15.04 19.88 11.05
CA ASP B 182 -14.41 21.20 10.98
C ASP B 182 -15.12 22.05 9.94
N PRO B 183 -15.75 23.18 10.34
CA PRO B 183 -16.49 24.04 9.41
C PRO B 183 -15.58 24.74 8.40
N HIS B 184 -14.30 24.90 8.73
CA HIS B 184 -13.34 25.63 7.87
C HIS B 184 -12.40 24.64 7.18
N GLY B 185 -12.73 23.36 7.30
CA GLY B 185 -11.98 22.31 6.62
C GLY B 185 -12.15 22.40 5.11
N GLU B 186 -11.13 21.90 4.39
CA GLU B 186 -11.11 21.85 2.94
C GLU B 186 -12.07 20.75 2.47
N ALA B 187 -12.28 19.76 3.35
CA ALA B 187 -13.18 18.65 3.10
C ALA B 187 -14.34 18.70 4.09
N GLY B 188 -15.41 17.96 3.79
CA GLY B 188 -16.57 17.86 4.66
C GLY B 188 -17.70 18.77 4.22
N VAL B 189 -18.33 18.39 3.11
CA VAL B 189 -19.32 19.21 2.39
C VAL B 189 -20.46 19.66 3.31
N VAL B 190 -20.93 18.78 4.21
CA VAL B 190 -22.07 19.11 5.06
C VAL B 190 -21.70 20.29 5.97
N ALA B 191 -20.49 20.24 6.55
CA ALA B 191 -19.99 21.29 7.43
C ALA B 191 -19.74 22.56 6.61
N ILE B 192 -19.14 22.38 5.42
CA ILE B 192 -18.81 23.49 4.53
C ILE B 192 -20.09 24.24 4.14
N PHE B 193 -21.15 23.50 3.78
CA PHE B 193 -22.42 24.09 3.41
C PHE B 193 -23.04 24.81 4.60
N ALA B 194 -23.13 24.13 5.75
CA ALA B 194 -23.68 24.75 6.98
C ALA B 194 -22.90 26.03 7.36
N GLN B 195 -21.58 25.97 7.40
CA GLN B 195 -20.75 27.15 7.76
C GLN B 195 -21.04 28.31 6.79
N ALA B 196 -21.11 28.03 5.49
CA ALA B 196 -21.29 29.10 4.49
C ALA B 196 -22.73 29.62 4.49
N LEU B 197 -23.70 28.71 4.49
CA LEU B 197 -25.09 29.13 4.39
C LEU B 197 -25.54 29.84 5.67
N LEU B 198 -24.88 29.53 6.79
CA LEU B 198 -25.17 30.19 8.05
C LEU B 198 -24.56 31.58 8.09
N SER B 199 -23.43 31.75 7.37
CA SER B 199 -22.70 33.00 7.30
C SER B 199 -23.23 33.86 6.14
N GLY B 200 -24.15 33.29 5.37
CA GLY B 200 -24.63 33.91 4.13
C GLY B 200 -23.49 34.11 3.13
N LYS B 201 -22.46 33.25 3.22
CA LYS B 201 -21.30 33.31 2.34
C LYS B 201 -21.55 32.41 1.13
N PRO B 202 -20.85 32.64 -0.01
CA PRO B 202 -21.08 31.83 -1.21
C PRO B 202 -20.84 30.34 -1.00
N THR B 203 -21.57 29.53 -1.77
CA THR B 203 -21.37 28.08 -1.82
C THR B 203 -21.08 27.68 -3.26
N ARG B 204 -20.58 26.44 -3.43
CA ARG B 204 -20.31 25.92 -4.76
C ARG B 204 -20.51 24.41 -4.79
N VAL B 205 -20.71 23.92 -6.01
CA VAL B 205 -20.84 22.52 -6.37
C VAL B 205 -19.85 22.28 -7.51
N PHE B 206 -19.37 21.04 -7.67
CA PHE B 206 -18.37 20.76 -8.70
C PHE B 206 -19.02 20.05 -9.89
N GLY B 207 -18.44 20.28 -11.08
CA GLY B 207 -19.00 19.76 -12.32
C GLY B 207 -20.40 20.31 -12.58
N ASP B 208 -21.36 19.40 -12.76
CA ASP B 208 -22.76 19.74 -13.01
C ASP B 208 -23.59 19.49 -11.76
N GLY B 209 -22.92 19.02 -10.70
CA GLY B 209 -23.53 18.86 -9.38
C GLY B 209 -24.19 17.50 -9.17
N THR B 210 -23.97 16.57 -10.11
CA THR B 210 -24.70 15.31 -10.12
C THR B 210 -23.93 14.20 -9.42
N ASN B 211 -22.63 14.41 -9.14
CA ASN B 211 -21.82 13.44 -8.42
C ASN B 211 -22.50 13.05 -7.11
N THR B 212 -22.47 11.75 -6.76
CA THR B 212 -23.18 11.28 -5.58
C THR B 212 -22.22 10.74 -4.53
N ARG B 213 -22.65 10.83 -3.26
CA ARG B 213 -21.99 10.21 -2.12
C ARG B 213 -23.06 9.55 -1.25
N ASP B 214 -22.62 8.80 -0.23
CA ASP B 214 -23.46 8.09 0.70
C ASP B 214 -23.21 8.67 2.09
N TYR B 215 -24.16 9.46 2.60
CA TYR B 215 -23.96 10.27 3.79
C TYR B 215 -24.41 9.53 5.05
N VAL B 216 -23.45 9.25 5.93
CA VAL B 216 -23.67 8.47 7.14
C VAL B 216 -23.31 9.33 8.36
N PHE B 217 -24.18 9.30 9.37
CA PHE B 217 -24.05 10.14 10.56
C PHE B 217 -22.99 9.56 11.49
N VAL B 218 -22.19 10.46 12.08
CA VAL B 218 -21.01 10.11 12.87
C VAL B 218 -21.33 9.10 13.98
N ASP B 219 -22.48 9.25 14.65
CA ASP B 219 -22.80 8.37 15.77
C ASP B 219 -22.93 6.93 15.30
N ASP B 220 -23.52 6.73 14.12
CA ASP B 220 -23.65 5.42 13.50
C ASP B 220 -22.26 4.84 13.21
N VAL B 221 -21.35 5.67 12.67
CA VAL B 221 -20.00 5.22 12.35
C VAL B 221 -19.30 4.77 13.63
N VAL B 222 -19.46 5.55 14.71
CA VAL B 222 -18.84 5.28 16.00
C VAL B 222 -19.31 3.93 16.53
N ASP B 223 -20.60 3.62 16.36
CA ASP B 223 -21.16 2.37 16.85
C ASP B 223 -20.51 1.18 16.14
N ALA B 224 -20.25 1.31 14.84
CA ALA B 224 -19.59 0.26 14.07
C ALA B 224 -18.21 -0.04 14.64
N PHE B 225 -17.44 1.03 14.95
CA PHE B 225 -16.13 0.87 15.54
C PHE B 225 -16.22 0.05 16.82
N VAL B 226 -17.21 0.37 17.67
CA VAL B 226 -17.38 -0.33 18.93
C VAL B 226 -17.63 -1.82 18.68
N ARG B 227 -18.57 -2.12 17.78
CA ARG B 227 -18.99 -3.50 17.55
C ARG B 227 -17.84 -4.34 17.01
N VAL B 228 -17.01 -3.76 16.14
CA VAL B 228 -16.00 -4.50 15.41
C VAL B 228 -14.74 -4.70 16.27
N SER B 229 -14.69 -4.02 17.43
CA SER B 229 -13.52 -4.06 18.30
C SER B 229 -13.40 -5.41 19.02
N ALA B 230 -14.50 -6.18 19.05
CA ALA B 230 -14.52 -7.50 19.65
C ALA B 230 -13.76 -8.51 18.78
N ASP B 231 -13.68 -9.76 19.25
CA ASP B 231 -13.02 -10.83 18.52
C ASP B 231 -13.96 -11.33 17.43
N VAL B 232 -13.98 -10.60 16.30
CA VAL B 232 -14.90 -10.81 15.20
C VAL B 232 -14.31 -10.18 13.95
N GLY B 233 -14.76 -10.67 12.78
CA GLY B 233 -14.46 -10.04 11.50
C GLY B 233 -12.97 -9.84 11.27
N GLY B 234 -12.17 -10.84 11.65
CA GLY B 234 -10.71 -10.79 11.57
C GLY B 234 -10.20 -10.69 10.14
N GLY B 235 -9.47 -9.61 9.85
CA GLY B 235 -8.90 -9.37 8.54
C GLY B 235 -9.95 -8.95 7.51
N LEU B 236 -11.18 -8.64 7.96
CA LEU B 236 -12.26 -8.23 7.08
C LEU B 236 -12.44 -6.71 7.11
N ARG B 237 -12.81 -6.17 5.95
CA ARG B 237 -13.28 -4.80 5.81
C ARG B 237 -14.80 -4.78 5.97
N PHE B 238 -15.31 -3.75 6.67
CA PHE B 238 -16.74 -3.51 6.78
C PHE B 238 -17.09 -2.14 6.20
N ASN B 239 -17.87 -2.15 5.11
CA ASN B 239 -18.49 -0.94 4.57
C ASN B 239 -19.46 -0.39 5.61
N ILE B 240 -19.29 0.89 5.93
CA ILE B 240 -20.13 1.58 6.90
C ILE B 240 -20.73 2.82 6.24
N GLY B 241 -22.01 2.72 5.87
CA GLY B 241 -22.73 3.80 5.22
C GLY B 241 -24.23 3.56 5.32
N THR B 242 -24.99 4.18 4.42
CA THR B 242 -26.45 4.04 4.42
C THR B 242 -26.90 3.22 3.21
N GLY B 243 -26.06 3.17 2.17
CA GLY B 243 -26.43 2.49 0.93
C GLY B 243 -27.40 3.30 0.08
N LYS B 244 -27.45 4.61 0.33
CA LYS B 244 -28.29 5.51 -0.44
C LYS B 244 -27.45 6.66 -0.99
N GLU B 245 -27.75 7.08 -2.23
CA GLU B 245 -26.98 8.10 -2.93
C GLU B 245 -27.66 9.46 -2.85
N THR B 246 -26.85 10.48 -2.55
CA THR B 246 -27.26 11.88 -2.62
C THR B 246 -26.29 12.64 -3.50
N SER B 247 -26.81 13.32 -4.53
CA SER B 247 -26.00 14.14 -5.42
C SER B 247 -25.53 15.39 -4.68
N ASP B 248 -24.43 16.00 -5.15
CA ASP B 248 -23.91 17.23 -4.58
C ASP B 248 -25.00 18.29 -4.51
N ARG B 249 -25.77 18.39 -5.59
CA ARG B 249 -26.82 19.40 -5.73
C ARG B 249 -27.93 19.15 -4.71
N GLN B 250 -28.27 17.87 -4.53
CA GLN B 250 -29.36 17.46 -3.66
C GLN B 250 -29.01 17.75 -2.20
N LEU B 251 -27.74 17.53 -1.84
CA LEU B 251 -27.30 17.76 -0.48
CA LEU B 251 -27.29 17.76 -0.48
C LEU B 251 -27.37 19.26 -0.18
N HIS B 252 -26.89 20.07 -1.13
CA HIS B 252 -26.94 21.53 -0.99
C HIS B 252 -28.37 21.96 -0.67
N SER B 253 -29.33 21.42 -1.41
CA SER B 253 -30.74 21.71 -1.24
C SER B 253 -31.22 21.29 0.14
N ALA B 254 -30.68 20.17 0.65
CA ALA B 254 -31.12 19.61 1.91
C ALA B 254 -30.55 20.41 3.09
N VAL B 255 -29.32 20.93 2.93
CA VAL B 255 -28.71 21.76 3.96
C VAL B 255 -29.35 23.15 3.89
N ALA B 256 -29.58 23.65 2.67
CA ALA B 256 -30.21 24.94 2.43
C ALA B 256 -31.58 24.99 3.11
N ALA B 257 -32.34 23.89 3.00
CA ALA B 257 -33.63 23.75 3.65
C ALA B 257 -33.49 23.88 5.16
N ALA B 258 -32.48 23.21 5.72
CA ALA B 258 -32.29 23.18 7.17
C ALA B 258 -31.89 24.57 7.67
N VAL B 259 -31.10 25.29 6.87
CA VAL B 259 -30.65 26.62 7.21
C VAL B 259 -31.80 27.62 7.00
N GLY B 260 -32.47 27.51 5.85
CA GLY B 260 -33.67 28.29 5.57
C GLY B 260 -33.47 29.32 4.44
N GLY B 261 -32.20 29.58 4.08
CA GLY B 261 -31.89 30.63 3.12
C GLY B 261 -32.09 30.20 1.67
N PRO B 262 -31.42 30.86 0.70
CA PRO B 262 -31.51 30.49 -0.71
C PRO B 262 -30.73 29.22 -1.05
N ASP B 263 -31.18 28.55 -2.12
CA ASP B 263 -30.59 27.32 -2.60
C ASP B 263 -30.00 27.59 -3.99
N ASP B 264 -28.81 28.21 -4.02
CA ASP B 264 -28.28 28.76 -5.25
C ASP B 264 -26.75 28.69 -5.25
N PRO B 265 -26.16 27.48 -5.45
CA PRO B 265 -24.70 27.35 -5.52
C PRO B 265 -24.12 27.75 -6.88
N GLU B 266 -22.84 28.14 -6.86
CA GLU B 266 -22.05 28.31 -8.07
C GLU B 266 -21.57 26.94 -8.53
N PHE B 267 -21.25 26.86 -9.81
CA PHE B 267 -20.79 25.57 -10.39
C PHE B 267 -19.33 25.72 -10.79
N HIS B 268 -18.45 25.02 -10.09
CA HIS B 268 -16.99 25.11 -10.34
C HIS B 268 -16.49 23.85 -11.06
N PRO B 269 -15.29 23.86 -11.64
CA PRO B 269 -14.81 22.70 -12.41
C PRO B 269 -14.56 21.46 -11.57
N PRO B 270 -14.68 20.24 -12.15
CA PRO B 270 -14.36 19.02 -11.41
C PRO B 270 -12.96 19.05 -10.80
N ARG B 271 -12.81 18.39 -9.65
CA ARG B 271 -11.53 18.34 -8.95
C ARG B 271 -10.86 17.00 -9.24
N LEU B 272 -9.58 17.07 -9.63
CA LEU B 272 -8.78 15.89 -9.94
C LEU B 272 -8.64 15.02 -8.69
N GLY B 273 -9.10 13.76 -8.81
CA GLY B 273 -9.04 12.79 -7.74
C GLY B 273 -10.42 12.38 -7.22
N ASP B 274 -11.44 13.18 -7.56
CA ASP B 274 -12.80 13.00 -7.05
C ASP B 274 -13.57 12.02 -7.93
N LEU B 275 -14.36 11.14 -7.29
CA LEU B 275 -15.18 10.16 -7.99
C LEU B 275 -16.56 10.75 -8.29
N LYS B 276 -17.28 10.11 -9.22
CA LYS B 276 -18.57 10.62 -9.68
C LYS B 276 -19.73 9.95 -8.95
N ARG B 277 -19.52 8.74 -8.42
CA ARG B 277 -20.55 8.01 -7.70
C ARG B 277 -19.90 7.24 -6.54
N SER B 278 -20.62 7.16 -5.42
CA SER B 278 -20.18 6.41 -4.25
C SER B 278 -21.40 5.96 -3.45
N CYS B 279 -21.50 4.65 -3.19
CA CYS B 279 -22.63 4.07 -2.48
C CYS B 279 -22.27 2.68 -1.99
N LEU B 280 -22.42 2.45 -0.68
CA LEU B 280 -21.87 1.24 -0.06
C LEU B 280 -22.99 0.26 0.26
N ASP B 281 -22.74 -1.02 -0.08
CA ASP B 281 -23.54 -2.13 0.38
C ASP B 281 -23.15 -2.46 1.82
N ILE B 282 -24.12 -2.33 2.73
CA ILE B 282 -23.83 -2.41 4.17
C ILE B 282 -24.35 -3.73 4.74
N GLY B 283 -24.57 -4.71 3.86
CA GLY B 283 -25.11 -6.02 4.24
C GLY B 283 -24.19 -6.80 5.18
N LEU B 284 -22.89 -6.83 4.88
CA LEU B 284 -21.95 -7.60 5.67
C LEU B 284 -21.96 -7.12 7.12
N ALA B 285 -21.94 -5.79 7.31
CA ALA B 285 -21.93 -5.22 8.66
C ALA B 285 -23.17 -5.67 9.43
N GLU B 286 -24.31 -5.75 8.75
CA GLU B 286 -25.57 -6.14 9.37
C GLU B 286 -25.51 -7.62 9.78
N ARG B 287 -25.03 -8.46 8.86
CA ARG B 287 -25.02 -9.91 9.07
C ARG B 287 -24.01 -10.28 10.15
N VAL B 288 -22.84 -9.62 10.15
CA VAL B 288 -21.72 -10.07 10.95
C VAL B 288 -21.68 -9.34 12.29
N LEU B 289 -21.91 -8.03 12.26
CA LEU B 289 -21.72 -7.18 13.44
C LEU B 289 -23.06 -6.83 14.09
N GLY B 290 -24.16 -7.02 13.34
CA GLY B 290 -25.48 -6.61 13.80
C GLY B 290 -25.70 -5.11 13.65
N TRP B 291 -24.82 -4.46 12.88
CA TRP B 291 -24.83 -3.01 12.75
C TRP B 291 -25.78 -2.57 11.64
N ARG B 292 -26.58 -1.55 11.95
CA ARG B 292 -27.42 -0.84 10.98
C ARG B 292 -27.38 0.64 11.32
N PRO B 293 -27.41 1.55 10.31
CA PRO B 293 -27.42 2.99 10.57
C PRO B 293 -28.81 3.43 11.01
N GLN B 294 -28.87 4.35 11.98
CA GLN B 294 -30.11 4.74 12.61
C GLN B 294 -30.60 6.08 12.04
N ILE B 295 -29.65 6.87 11.50
CA ILE B 295 -29.91 8.26 11.23
C ILE B 295 -30.04 8.50 9.73
N GLU B 296 -31.23 8.96 9.31
CA GLU B 296 -31.51 9.34 7.94
C GLU B 296 -31.01 10.76 7.71
N LEU B 297 -30.67 11.08 6.46
CA LEU B 297 -29.98 12.32 6.11
C LEU B 297 -30.71 13.55 6.66
N ALA B 298 -32.04 13.56 6.52
CA ALA B 298 -32.85 14.71 6.93
C ALA B 298 -32.65 15.00 8.43
N ASP B 299 -32.77 13.94 9.25
N ASP B 299 -32.73 13.95 9.24
CA ASP B 299 -32.62 14.04 10.69
CA ASP B 299 -32.63 14.07 10.69
C ASP B 299 -31.20 14.47 11.05
C ASP B 299 -31.19 14.44 11.08
N GLY B 300 -30.21 13.86 10.39
CA GLY B 300 -28.81 14.12 10.64
C GLY B 300 -28.40 15.55 10.28
N VAL B 301 -28.89 16.05 9.15
CA VAL B 301 -28.60 17.40 8.70
C VAL B 301 -29.17 18.40 9.72
N ARG B 302 -30.36 18.10 10.24
CA ARG B 302 -31.03 18.99 11.18
C ARG B 302 -30.20 19.06 12.46
N ARG B 303 -29.78 17.88 12.95
CA ARG B 303 -28.98 17.80 14.16
CA ARG B 303 -28.95 17.74 14.14
C ARG B 303 -27.66 18.53 13.96
N THR B 304 -27.10 18.46 12.75
CA THR B 304 -25.82 19.06 12.42
C THR B 304 -25.97 20.58 12.35
N VAL B 305 -26.96 21.04 11.59
CA VAL B 305 -27.20 22.46 11.41
C VAL B 305 -27.44 23.09 12.79
N GLU B 306 -28.10 22.33 13.67
CA GLU B 306 -28.43 22.76 15.01
C GLU B 306 -27.16 22.92 15.83
N TYR B 307 -26.22 21.98 15.66
CA TYR B 307 -24.94 22.04 16.36
C TYR B 307 -24.21 23.32 15.97
N PHE B 308 -24.26 23.67 14.68
CA PHE B 308 -23.53 24.81 14.15
C PHE B 308 -24.10 26.12 14.68
N ARG B 309 -25.43 26.16 14.87
CA ARG B 309 -26.09 27.33 15.42
C ARG B 309 -25.66 27.56 16.86
N HIS B 310 -25.59 26.49 17.66
CA HIS B 310 -25.13 26.57 19.04
C HIS B 310 -23.68 27.07 19.10
N LYS B 311 -22.92 26.78 18.03
CA LYS B 311 -21.50 27.11 17.91
C LYS B 311 -20.67 26.18 18.80
PA NAD C . 19.46 -6.37 -5.71
O1A NAD C . 19.60 -6.04 -4.27
O2A NAD C . 20.64 -6.87 -6.46
O5B NAD C . 18.83 -5.13 -6.51
C5B NAD C . 18.10 -4.04 -5.87
C4B NAD C . 18.84 -2.76 -6.16
O4B NAD C . 18.08 -1.64 -5.62
C3B NAD C . 20.24 -2.66 -5.54
O3B NAD C . 21.23 -2.25 -6.48
C2B NAD C . 20.05 -1.65 -4.40
O2B NAD C . 21.24 -0.97 -4.05
C1B NAD C . 18.99 -0.75 -5.02
N9A NAD C . 18.30 0.10 -4.04
C8A NAD C . 17.75 -0.29 -2.85
N7A NAD C . 17.25 0.70 -2.15
C5A NAD C . 17.48 1.82 -2.94
C6A NAD C . 17.19 3.18 -2.76
N6A NAD C . 16.58 3.67 -1.67
N1A NAD C . 17.56 4.04 -3.74
C2A NAD C . 18.18 3.55 -4.82
N3A NAD C . 18.52 2.29 -5.09
C4A NAD C . 18.14 1.46 -4.10
O3 NAD C . 18.29 -7.44 -5.89
PN NAD C . 17.55 -7.92 -7.23
O1N NAD C . 17.28 -9.39 -7.14
O2N NAD C . 18.29 -7.43 -8.43
O5D NAD C . 16.17 -7.10 -7.11
C5D NAD C . 15.76 -6.22 -8.19
C4D NAD C . 14.27 -5.96 -8.11
O4D NAD C . 13.54 -7.17 -8.43
C3D NAD C . 13.74 -5.52 -6.73
O3D NAD C . 12.65 -4.61 -6.90
C2D NAD C . 13.21 -6.83 -6.15
O2D NAD C . 12.24 -6.59 -5.13
C1D NAD C . 12.61 -7.44 -7.40
N1N NAD C . 12.43 -8.92 -7.32
C2N NAD C . 13.53 -9.76 -7.23
C3N NAD C . 13.35 -11.14 -7.40
C7N NAD C . 14.49 -12.08 -7.16
O7N NAD C . 14.25 -13.27 -6.99
N7N NAD C . 15.74 -11.60 -7.15
C4N NAD C . 12.09 -11.60 -7.76
C5N NAD C . 10.98 -10.80 -7.60
C6N NAD C . 11.18 -9.44 -7.41
N1 UPG D . 17.07 -20.97 1.34
C2 UPG D . 17.83 -22.05 1.78
N3 UPG D . 19.10 -21.73 2.19
C4 UPG D . 19.69 -20.48 2.20
C5 UPG D . 18.86 -19.42 1.70
C6 UPG D . 17.61 -19.70 1.31
O2 UPG D . 17.42 -23.20 1.82
O4 UPG D . 20.84 -20.37 2.60
C1C UPG D . 15.70 -21.24 0.84
C2C UPG D . 14.61 -20.54 1.63
O2C UPG D . 14.24 -21.35 2.71
C3C UPG D . 13.51 -20.37 0.56
C4C UPG D . 14.29 -20.25 -0.76
O4C UPG D . 15.62 -20.76 -0.48
O3C UPG D . 12.58 -21.44 0.49
C5C UPG D . 14.39 -18.87 -1.35
O5C UPG D . 14.90 -17.97 -0.34
PA UPG D . 15.56 -16.56 -0.76
O1A UPG D . 15.88 -15.80 0.47
O2A UPG D . 16.65 -16.81 -1.74
O3A UPG D . 14.35 -15.84 -1.51
PB UPG D . 12.82 -15.49 -1.15
O1B UPG D . 12.75 -15.09 0.29
O2B UPG D . 11.97 -16.64 -1.58
O3B UPG D . 12.56 -14.16 -2.03
C1' UPG D . 13.17 -13.92 -3.27
C2' UPG D . 13.70 -12.47 -3.35
C3' UPG D . 12.55 -11.48 -3.35
C4' UPG D . 11.55 -11.84 -4.44
C5' UPG D . 11.09 -13.27 -4.26
C6' UPG D . 10.11 -13.73 -5.32
O2' UPG D . 14.58 -12.15 -2.28
O3' UPG D . 13.09 -10.18 -3.56
O4' UPG D . 10.43 -10.98 -4.38
O5' UPG D . 12.24 -14.16 -4.32
O6' UPG D . 9.54 -14.99 -4.94
C1 EDO E . 11.75 -23.07 -19.01
O1 EDO E . 12.71 -22.45 -18.19
C2 EDO E . 11.08 -24.23 -18.37
O2 EDO E . 11.52 -24.51 -17.06
PA NAD F . -10.18 14.76 11.13
O1A NAD F . -9.16 15.52 10.36
O2A NAD F . -11.11 15.52 12.02
O5B NAD F . -9.51 13.60 11.99
C5B NAD F . -8.19 13.09 11.68
C4B NAD F . -7.33 13.31 12.89
O4B NAD F . -6.04 12.66 12.68
C3B NAD F . -7.03 14.77 13.21
O3B NAD F . -7.37 15.07 14.55
C2B NAD F . -5.54 14.92 12.89
O2B NAD F . -4.89 15.93 13.64
C1B NAD F . -5.04 13.51 13.21
N9A NAD F . -3.76 13.20 12.58
C8A NAD F . -3.45 13.42 11.26
N7A NAD F . -2.21 13.10 10.96
C5A NAD F . -1.67 12.65 12.15
C6A NAD F . -0.39 12.18 12.49
N6A NAD F . 0.62 12.09 11.63
N1A NAD F . -0.17 11.83 13.78
C2A NAD F . -1.19 11.93 14.66
N3A NAD F . -2.42 12.36 14.45
C4A NAD F . -2.61 12.72 13.17
O3 NAD F . -11.04 13.87 10.12
PN NAD F . -12.09 12.69 10.41
O1N NAD F . -13.22 12.86 9.45
O2N NAD F . -12.36 12.63 11.87
O5D NAD F . -11.22 11.41 9.96
C5D NAD F . -10.94 10.32 10.88
C4D NAD F . -10.57 9.09 10.10
O4D NAD F . -11.71 8.68 9.31
C3D NAD F . -9.41 9.23 9.09
O3D NAD F . -8.61 8.05 9.05
C2D NAD F . -10.15 9.43 7.77
O2D NAD F . -9.36 9.10 6.63
C1D NAD F . -11.31 8.45 7.96
N1N NAD F . -12.48 8.68 7.05
C2N NAD F . -13.23 9.83 7.15
C3N NAD F . -14.43 9.92 6.44
C7N NAD F . -15.26 11.17 6.54
O7N NAD F . -16.18 11.33 5.74
N7N NAD F . -14.97 12.05 7.49
C4N NAD F . -14.83 8.85 5.63
C5N NAD F . -14.06 7.73 5.54
C6N NAD F . -12.82 7.73 6.14
C ACT G . -17.69 24.12 15.05
O ACT G . -16.71 24.71 15.54
OXT ACT G . -17.75 22.88 14.91
CH3 ACT G . -18.87 24.98 14.58
N1 GDU H . -18.68 19.27 -2.58
C2 GDU H . -19.52 20.31 -2.96
N3 GDU H . -19.14 21.55 -2.50
C4 GDU H . -18.03 21.85 -1.73
C5 GDU H . -17.22 20.73 -1.37
C6 GDU H . -17.56 19.50 -1.81
O2 GDU H . -20.53 20.15 -3.64
O4 GDU H . -17.83 23.02 -1.40
C1D GDU H . -19.04 17.90 -3.03
C2D GDU H . -17.90 17.19 -3.75
O2D GDU H . -17.97 17.47 -5.13
C3D GDU H . -18.18 15.72 -3.42
C4D GDU H . -18.90 15.77 -2.07
O4D GDU H . -19.35 17.13 -1.89
O3D GDU H . -18.99 15.07 -4.41
C5D GDU H . -18.10 15.34 -0.85
O5D GDU H . -16.81 16.02 -0.87
PA GDU H . -15.91 16.10 0.45
O1A GDU H . -14.68 16.89 0.15
O2A GDU H . -16.74 16.52 1.63
O3A GDU H . -15.49 14.55 0.65
PB GDU H . -14.93 13.43 -0.36
O1B GDU H . -13.81 14.00 -1.17
O2B GDU H . -16.07 12.77 -1.05
O3B GDU H . -14.34 12.42 0.72
C1' GDU H . -12.98 12.43 1.04
C2' GDU H . -12.56 11.00 1.34
C3' GDU H . -13.20 10.50 2.63
C4' GDU H . -12.95 11.47 3.77
C5' GDU H . -13.34 12.91 3.39
C6' GDU H . -12.92 13.92 4.43
O2' GDU H . -12.91 10.18 0.22
O3' GDU H . -12.68 9.21 2.95
O4' GDU H . -11.58 11.42 4.17
O5' GDU H . -12.69 13.28 2.15
O6' GDU H . -13.98 14.81 4.76
C1 EDO I . -16.85 -2.70 30.02
O1 EDO I . -17.53 -1.55 30.48
C2 EDO I . -15.72 -3.09 30.89
O2 EDO I . -14.85 -2.00 31.17
C1 EDO J . -0.29 -0.78 32.25
O1 EDO J . -0.36 0.61 32.04
C2 EDO J . -1.62 -1.41 32.42
O2 EDO J . -1.58 -2.83 32.43
#